data_1J5L
# 
_entry.id   1J5L 
# 
_audit_conform.dict_name       mmcif_pdbx.dic 
_audit_conform.dict_version    5.392 
_audit_conform.dict_location   http://mmcif.pdb.org/dictionaries/ascii/mmcif_pdbx.dic 
# 
loop_
_database_2.database_id 
_database_2.database_code 
_database_2.pdbx_database_accession 
_database_2.pdbx_DOI 
PDB   1J5L         pdb_00001j5l 10.2210/pdb1j5l/pdb 
RCSB  RCSB001640   ?            ?                   
WWPDB D_1000001640 ?            ?                   
BMRB  4754         ?            10.13018/BMR4754    
# 
loop_
_pdbx_audit_revision_history.ordinal 
_pdbx_audit_revision_history.data_content_type 
_pdbx_audit_revision_history.major_revision 
_pdbx_audit_revision_history.minor_revision 
_pdbx_audit_revision_history.revision_date 
1 'Structure model' 1 0 2002-05-22 
2 'Structure model' 1 1 2008-04-26 
3 'Structure model' 1 2 2011-07-13 
4 'Structure model' 2 0 2020-02-05 
5 'Structure model' 2 1 2023-12-27 
6 'Structure model' 2 2 2024-05-08 
# 
_pdbx_audit_revision_details.ordinal             1 
_pdbx_audit_revision_details.revision_ordinal    1 
_pdbx_audit_revision_details.data_content_type   'Structure model' 
_pdbx_audit_revision_details.provider            repository 
_pdbx_audit_revision_details.type                'Initial release' 
_pdbx_audit_revision_details.description         ? 
_pdbx_audit_revision_details.details             ? 
# 
loop_
_pdbx_audit_revision_group.ordinal 
_pdbx_audit_revision_group.revision_ordinal 
_pdbx_audit_revision_group.data_content_type 
_pdbx_audit_revision_group.group 
1  2 'Structure model' 'Version format compliance' 
2  3 'Structure model' 'Version format compliance' 
3  4 'Structure model' 'Atomic model'              
4  4 'Structure model' 'Data collection'           
5  4 'Structure model' 'Database references'       
6  4 'Structure model' 'Derived calculations'      
7  4 'Structure model' Other                       
8  5 'Structure model' 'Data collection'           
9  5 'Structure model' 'Database references'       
10 5 'Structure model' 'Derived calculations'      
11 6 'Structure model' 'Database references'       
# 
loop_
_pdbx_audit_revision_category.ordinal 
_pdbx_audit_revision_category.revision_ordinal 
_pdbx_audit_revision_category.data_content_type 
_pdbx_audit_revision_category.category 
1  4 'Structure model' atom_site              
2  4 'Structure model' database_2             
3  4 'Structure model' pdbx_database_status   
4  4 'Structure model' pdbx_nmr_software      
5  4 'Structure model' pdbx_struct_assembly   
6  4 'Structure model' pdbx_struct_oper_list  
7  5 'Structure model' chem_comp_atom         
8  5 'Structure model' chem_comp_bond         
9  5 'Structure model' database_2             
10 5 'Structure model' pdbx_struct_conn_angle 
11 5 'Structure model' struct_conn            
12 5 'Structure model' struct_site            
13 6 'Structure model' database_2             
# 
loop_
_pdbx_audit_revision_item.ordinal 
_pdbx_audit_revision_item.revision_ordinal 
_pdbx_audit_revision_item.data_content_type 
_pdbx_audit_revision_item.item 
1  4 'Structure model' '_atom_site.B_iso_or_equiv'                   
2  4 'Structure model' '_atom_site.Cartn_x'                          
3  4 'Structure model' '_atom_site.Cartn_y'                          
4  4 'Structure model' '_atom_site.Cartn_z'                          
5  4 'Structure model' '_atom_site.auth_atom_id'                     
6  4 'Structure model' '_atom_site.label_atom_id'                    
7  4 'Structure model' '_pdbx_database_status.status_code_cs'        
8  4 'Structure model' '_pdbx_nmr_software.name'                     
9  5 'Structure model' '_database_2.pdbx_DOI'                        
10 5 'Structure model' '_database_2.pdbx_database_accession'         
11 5 'Structure model' '_pdbx_struct_conn_angle.ptnr1_auth_seq_id'   
12 5 'Structure model' '_pdbx_struct_conn_angle.ptnr1_label_seq_id'  
13 5 'Structure model' '_pdbx_struct_conn_angle.ptnr2_auth_seq_id'   
14 5 'Structure model' '_pdbx_struct_conn_angle.ptnr2_label_asym_id' 
15 5 'Structure model' '_pdbx_struct_conn_angle.ptnr3_auth_seq_id'   
16 5 'Structure model' '_pdbx_struct_conn_angle.ptnr3_label_seq_id'  
17 5 'Structure model' '_pdbx_struct_conn_angle.value'               
18 5 'Structure model' '_struct_conn.pdbx_dist_value'                
19 5 'Structure model' '_struct_conn.ptnr1_auth_comp_id'             
20 5 'Structure model' '_struct_conn.ptnr1_auth_seq_id'              
21 5 'Structure model' '_struct_conn.ptnr1_label_asym_id'            
22 5 'Structure model' '_struct_conn.ptnr1_label_atom_id'            
23 5 'Structure model' '_struct_conn.ptnr1_label_comp_id'            
24 5 'Structure model' '_struct_conn.ptnr1_label_seq_id'             
25 5 'Structure model' '_struct_conn.ptnr2_auth_comp_id'             
26 5 'Structure model' '_struct_conn.ptnr2_auth_seq_id'              
27 5 'Structure model' '_struct_conn.ptnr2_label_asym_id'            
28 5 'Structure model' '_struct_conn.ptnr2_label_atom_id'            
29 5 'Structure model' '_struct_conn.ptnr2_label_comp_id'            
30 5 'Structure model' '_struct_conn.ptnr2_label_seq_id'             
31 5 'Structure model' '_struct_site.pdbx_auth_asym_id'              
32 5 'Structure model' '_struct_site.pdbx_auth_comp_id'              
33 5 'Structure model' '_struct_site.pdbx_auth_seq_id'               
34 6 'Structure model' '_database_2.pdbx_DOI'                        
# 
_pdbx_database_PDB_obs_spr.id               SPRSDE 
_pdbx_database_PDB_obs_spr.date             2002-05-22 
_pdbx_database_PDB_obs_spr.pdb_id           1J5L 
_pdbx_database_PDB_obs_spr.replace_pdb_id   1HZQ 
_pdbx_database_PDB_obs_spr.details          ? 
# 
_pdbx_database_status.status_code                     REL 
_pdbx_database_status.entry_id                        1J5L 
_pdbx_database_status.recvd_initial_deposition_date   2002-05-16 
_pdbx_database_status.deposit_site                    RCSB 
_pdbx_database_status.process_site                    RCSB 
_pdbx_database_status.status_code_mr                  REL 
_pdbx_database_status.SG_entry                        . 
_pdbx_database_status.pdb_format_compatible           Y 
_pdbx_database_status.status_code_sf                  ? 
_pdbx_database_status.status_code_cs                  REL 
_pdbx_database_status.methods_development_category    ? 
_pdbx_database_status.status_code_nmr_data            ? 
# 
loop_
_pdbx_database_related.db_name 
_pdbx_database_related.db_id 
_pdbx_database_related.details 
_pdbx_database_related.content_type 
BMRB 4754 'contains 1H chemical shifts and 3JHNHA and 3JHAHB coupling constants'          unspecified 
PDB  1J5M 'contains the minimized average structure of the beta_N domain of this protein' unspecified 
# 
loop_
_audit_author.name 
_audit_author.pdbx_ordinal 
'Munoz, A.'         1 
'Forsterling, F.H.' 2 
'Shaw III, C.F.'    3 
'Petering, D.H.'    4 
# 
_citation.id                        primary 
_citation.title                     
;Structure of the (113)Cd(3)beta domains from Homarus americanus metallothionein-1: hydrogen bonding and solvent accessibility of sulfur atoms
;
_citation.journal_abbrev            J.Biol.Inorg.Chem. 
_citation.journal_volume            7 
_citation.page_first                713 
_citation.page_last                 724 
_citation.year                      2002 
_citation.journal_id_ASTM           JJBCFA 
_citation.country                   GW 
_citation.journal_id_ISSN           0949-8257 
_citation.journal_id_CSD            2154 
_citation.book_publisher            ? 
_citation.pdbx_database_id_PubMed   12203008 
_citation.pdbx_database_id_DOI      10.1007/s00775-002-0345-3 
# 
loop_
_citation_author.citation_id 
_citation_author.name 
_citation_author.ordinal 
_citation_author.identifier_ORCID 
primary 'Munoz, A.'         1 ? 
primary 'Forsterling, F.H.' 2 ? 
primary 'Shaw III, C.F.'    3 ? 
primary 'Petering, D.H.'    4 ? 
# 
loop_
_entity.id 
_entity.type 
_entity.src_method 
_entity.pdbx_description 
_entity.formula_weight 
_entity.pdbx_number_of_molecules 
_entity.pdbx_ec 
_entity.pdbx_mutation 
_entity.pdbx_fragment 
_entity.details 
1 polymer     syn METALLOTHIONEIN-1 3133.726 1 ? ? 'BETA_C DOMAIN (RESIDUES 29-58)' ? 
2 non-polymer syn 'CADMIUM ION'     112.411  3 ? ? ?                                ? 
# 
_entity_name_com.entity_id   1 
_entity_name_com.name        CUMT-1 
# 
_entity_poly.entity_id                      1 
_entity_poly.type                           'polypeptide(L)' 
_entity_poly.nstd_linkage                   no 
_entity_poly.nstd_monomer                   no 
_entity_poly.pdbx_seq_one_letter_code       PCEKCTSGCKCPSKDECAKTCSKPCSCCPT 
_entity_poly.pdbx_seq_one_letter_code_can   PCEKCTSGCKCPSKDECAKTCSKPCSCCPT 
_entity_poly.pdbx_strand_id                 A 
_entity_poly.pdbx_target_identifier         ? 
# 
_pdbx_entity_nonpoly.entity_id   2 
_pdbx_entity_nonpoly.name        'CADMIUM ION' 
_pdbx_entity_nonpoly.comp_id     CD 
# 
loop_
_entity_poly_seq.entity_id 
_entity_poly_seq.num 
_entity_poly_seq.mon_id 
_entity_poly_seq.hetero 
1 1  PRO n 
1 2  CYS n 
1 3  GLU n 
1 4  LYS n 
1 5  CYS n 
1 6  THR n 
1 7  SER n 
1 8  GLY n 
1 9  CYS n 
1 10 LYS n 
1 11 CYS n 
1 12 PRO n 
1 13 SER n 
1 14 LYS n 
1 15 ASP n 
1 16 GLU n 
1 17 CYS n 
1 18 ALA n 
1 19 LYS n 
1 20 THR n 
1 21 CYS n 
1 22 SER n 
1 23 LYS n 
1 24 PRO n 
1 25 CYS n 
1 26 SER n 
1 27 CYS n 
1 28 CYS n 
1 29 PRO n 
1 30 THR n 
# 
_pdbx_entity_src_syn.entity_id              1 
_pdbx_entity_src_syn.pdbx_src_id            1 
_pdbx_entity_src_syn.pdbx_alt_source_flag   sample 
_pdbx_entity_src_syn.pdbx_beg_seq_num       ? 
_pdbx_entity_src_syn.pdbx_end_seq_num       ? 
_pdbx_entity_src_syn.organism_scientific    ? 
_pdbx_entity_src_syn.organism_common_name   ? 
_pdbx_entity_src_syn.ncbi_taxonomy_id       ? 
_pdbx_entity_src_syn.details                
'The peptide was chemically synthesized. The sequence of the peptide is naturally found in Homarus americanus (American lobster).' 
# 
loop_
_chem_comp.id 
_chem_comp.type 
_chem_comp.mon_nstd_flag 
_chem_comp.name 
_chem_comp.pdbx_synonyms 
_chem_comp.formula 
_chem_comp.formula_weight 
ALA 'L-peptide linking' y ALANINE         ? 'C3 H7 N O2'     89.093  
ASP 'L-peptide linking' y 'ASPARTIC ACID' ? 'C4 H7 N O4'     133.103 
CD  non-polymer         . 'CADMIUM ION'   ? 'Cd 2'           112.411 
CYS 'L-peptide linking' y CYSTEINE        ? 'C3 H7 N O2 S'   121.158 
GLU 'L-peptide linking' y 'GLUTAMIC ACID' ? 'C5 H9 N O4'     147.129 
GLY 'peptide linking'   y GLYCINE         ? 'C2 H5 N O2'     75.067  
LYS 'L-peptide linking' y LYSINE          ? 'C6 H15 N2 O2 1' 147.195 
PRO 'L-peptide linking' y PROLINE         ? 'C5 H9 N O2'     115.130 
SER 'L-peptide linking' y SERINE          ? 'C3 H7 N O3'     105.093 
THR 'L-peptide linking' y THREONINE       ? 'C4 H9 N O3'     119.119 
# 
loop_
_pdbx_poly_seq_scheme.asym_id 
_pdbx_poly_seq_scheme.entity_id 
_pdbx_poly_seq_scheme.seq_id 
_pdbx_poly_seq_scheme.mon_id 
_pdbx_poly_seq_scheme.ndb_seq_num 
_pdbx_poly_seq_scheme.pdb_seq_num 
_pdbx_poly_seq_scheme.auth_seq_num 
_pdbx_poly_seq_scheme.pdb_mon_id 
_pdbx_poly_seq_scheme.auth_mon_id 
_pdbx_poly_seq_scheme.pdb_strand_id 
_pdbx_poly_seq_scheme.pdb_ins_code 
_pdbx_poly_seq_scheme.hetero 
A 1 1  PRO 1  2  2  PRO PRO A . n 
A 1 2  CYS 2  3  3  CYS CYS A . n 
A 1 3  GLU 3  4  4  GLU GLU A . n 
A 1 4  LYS 4  5  5  LYS LYS A . n 
A 1 5  CYS 5  6  6  CYS CYS A . n 
A 1 6  THR 6  7  7  THR THR A . n 
A 1 7  SER 7  8  8  SER SER A . n 
A 1 8  GLY 8  9  9  GLY GLY A . n 
A 1 9  CYS 9  10 10 CYS CYS A . n 
A 1 10 LYS 10 11 11 LYS LYS A . n 
A 1 11 CYS 11 12 12 CYS CYS A . n 
A 1 12 PRO 12 13 13 PRO PRO A . n 
A 1 13 SER 13 14 14 SER SER A . n 
A 1 14 LYS 14 15 15 LYS LYS A . n 
A 1 15 ASP 15 16 16 ASP ASP A . n 
A 1 16 GLU 16 17 17 GLU GLU A . n 
A 1 17 CYS 17 18 18 CYS CYS A . n 
A 1 18 ALA 18 19 19 ALA ALA A . n 
A 1 19 LYS 19 20 20 LYS LYS A . n 
A 1 20 THR 20 21 21 THR THR A . n 
A 1 21 CYS 21 22 22 CYS CYS A . n 
A 1 22 SER 22 23 23 SER SER A . n 
A 1 23 LYS 23 24 24 LYS LYS A . n 
A 1 24 PRO 24 25 25 PRO PRO A . n 
A 1 25 CYS 25 26 26 CYS CYS A . n 
A 1 26 SER 26 27 27 SER SER A . n 
A 1 27 CYS 27 28 28 CYS CYS A . n 
A 1 28 CYS 28 29 29 CYS CYS A . n 
A 1 29 PRO 29 30 30 PRO PRO A . n 
A 1 30 THR 30 31 31 THR THR A . n 
# 
loop_
_pdbx_nonpoly_scheme.asym_id 
_pdbx_nonpoly_scheme.entity_id 
_pdbx_nonpoly_scheme.mon_id 
_pdbx_nonpoly_scheme.ndb_seq_num 
_pdbx_nonpoly_scheme.pdb_seq_num 
_pdbx_nonpoly_scheme.auth_seq_num 
_pdbx_nonpoly_scheme.pdb_mon_id 
_pdbx_nonpoly_scheme.auth_mon_id 
_pdbx_nonpoly_scheme.pdb_strand_id 
_pdbx_nonpoly_scheme.pdb_ins_code 
B 2 CD 1 32 32 CD CD A . 
C 2 CD 1 33 33 CD CD A . 
D 2 CD 1 34 34 CD CD A . 
# 
_exptl.entry_id          1J5L 
_exptl.method            'SOLUTION NMR' 
_exptl.crystals_number   ? 
# 
_exptl_crystal.id                    1 
_exptl_crystal.density_meas          ? 
_exptl_crystal.density_Matthews      ? 
_exptl_crystal.density_percent_sol   ? 
_exptl_crystal.description           ? 
# 
_diffrn.id                     1 
_diffrn.ambient_temp           ? 
_diffrn.ambient_temp_details   ? 
_diffrn.crystal_id             1 
# 
_diffrn_radiation.diffrn_id                        1 
_diffrn_radiation.wavelength_id                    1 
_diffrn_radiation.pdbx_monochromatic_or_laue_m_l   M 
_diffrn_radiation.monochromator                    ? 
_diffrn_radiation.pdbx_diffrn_protocol             'SINGLE WAVELENGTH' 
_diffrn_radiation.pdbx_scattering_type             ? 
# 
_diffrn_radiation_wavelength.id           1 
_diffrn_radiation_wavelength.wavelength   . 
_diffrn_radiation_wavelength.wt           1.0 
# 
_struct.entry_id                  1J5L 
_struct.title                     'NMR STRUCTURE OF THE ISOLATED BETA_C DOMAIN OF LOBSTER METALLOTHIONEIN-1' 
_struct.pdbx_model_details        ? 
_struct.pdbx_CASP_flag            ? 
_struct.pdbx_model_type_details   ? 
# 
_struct_keywords.entry_id        1J5L 
_struct_keywords.pdbx_keywords   'METAL BINDING PROTEIN' 
_struct_keywords.text            'beta-domain, Metalloprotein, Cadmium-sulfur-cluster, METAL BINDING PROTEIN' 
# 
loop_
_struct_asym.id 
_struct_asym.pdbx_blank_PDB_chainid_flag 
_struct_asym.pdbx_modified 
_struct_asym.entity_id 
_struct_asym.details 
A N N 1 ? 
B N N 2 ? 
C N N 2 ? 
D N N 2 ? 
# 
_struct_ref.id                         1 
_struct_ref.db_name                    UNP 
_struct_ref.db_code                    MT1_HOMAM 
_struct_ref.entity_id                  1 
_struct_ref.pdbx_db_accession          P29499 
_struct_ref.pdbx_seq_one_letter_code   PCEKCTSGCKCPSKDECAKTCSKPCSCCPT 
_struct_ref.pdbx_align_begin           29 
_struct_ref.pdbx_db_isoform            ? 
# 
_struct_ref_seq.align_id                      1 
_struct_ref_seq.ref_id                        1 
_struct_ref_seq.pdbx_PDB_id_code              1J5L 
_struct_ref_seq.pdbx_strand_id                A 
_struct_ref_seq.seq_align_beg                 1 
_struct_ref_seq.pdbx_seq_align_beg_ins_code   ? 
_struct_ref_seq.seq_align_end                 30 
_struct_ref_seq.pdbx_seq_align_end_ins_code   ? 
_struct_ref_seq.pdbx_db_accession             P29499 
_struct_ref_seq.db_align_beg                  29 
_struct_ref_seq.pdbx_db_align_beg_ins_code    ? 
_struct_ref_seq.db_align_end                  58 
_struct_ref_seq.pdbx_db_align_end_ins_code    ? 
_struct_ref_seq.pdbx_auth_seq_align_beg       2 
_struct_ref_seq.pdbx_auth_seq_align_end       31 
# 
_pdbx_struct_assembly.id                   1 
_pdbx_struct_assembly.details              author_defined_assembly 
_pdbx_struct_assembly.method_details       ? 
_pdbx_struct_assembly.oligomeric_details   monomeric 
_pdbx_struct_assembly.oligomeric_count     1 
# 
_pdbx_struct_assembly_gen.assembly_id       1 
_pdbx_struct_assembly_gen.oper_expression   1 
_pdbx_struct_assembly_gen.asym_id_list      A,B,C,D 
# 
_pdbx_struct_oper_list.id                   1 
_pdbx_struct_oper_list.type                 'identity operation' 
_pdbx_struct_oper_list.name                 1_555 
_pdbx_struct_oper_list.symmetry_operation   ? 
_pdbx_struct_oper_list.matrix[1][1]         1.0000000000 
_pdbx_struct_oper_list.matrix[1][2]         0.0000000000 
_pdbx_struct_oper_list.matrix[1][3]         0.0000000000 
_pdbx_struct_oper_list.vector[1]            0.0000000000 
_pdbx_struct_oper_list.matrix[2][1]         0.0000000000 
_pdbx_struct_oper_list.matrix[2][2]         1.0000000000 
_pdbx_struct_oper_list.matrix[2][3]         0.0000000000 
_pdbx_struct_oper_list.vector[2]            0.0000000000 
_pdbx_struct_oper_list.matrix[3][1]         0.0000000000 
_pdbx_struct_oper_list.matrix[3][2]         0.0000000000 
_pdbx_struct_oper_list.matrix[3][3]         1.0000000000 
_pdbx_struct_oper_list.vector[3]            0.0000000000 
# 
loop_
_struct_conf.conf_type_id 
_struct_conf.id 
_struct_conf.pdbx_PDB_helix_id 
_struct_conf.beg_label_comp_id 
_struct_conf.beg_label_asym_id 
_struct_conf.beg_label_seq_id 
_struct_conf.pdbx_beg_PDB_ins_code 
_struct_conf.end_label_comp_id 
_struct_conf.end_label_asym_id 
_struct_conf.end_label_seq_id 
_struct_conf.pdbx_end_PDB_ins_code 
_struct_conf.beg_auth_comp_id 
_struct_conf.beg_auth_asym_id 
_struct_conf.beg_auth_seq_id 
_struct_conf.end_auth_comp_id 
_struct_conf.end_auth_asym_id 
_struct_conf.end_auth_seq_id 
_struct_conf.pdbx_PDB_helix_class 
_struct_conf.details 
_struct_conf.pdbx_PDB_helix_length 
HELX_P HELX_P1 1 CYS A 2  ? THR A 6  ? CYS A 3  THR A 7  5 ? 5 
HELX_P HELX_P2 2 GLU A 16 ? CYS A 21 ? GLU A 17 CYS A 22 1 ? 6 
# 
_struct_conf_type.id          HELX_P 
_struct_conf_type.criteria    ? 
_struct_conf_type.reference   ? 
# 
loop_
_struct_conn.id 
_struct_conn.conn_type_id 
_struct_conn.pdbx_leaving_atom_flag 
_struct_conn.pdbx_PDB_id 
_struct_conn.ptnr1_label_asym_id 
_struct_conn.ptnr1_label_comp_id 
_struct_conn.ptnr1_label_seq_id 
_struct_conn.ptnr1_label_atom_id 
_struct_conn.pdbx_ptnr1_label_alt_id 
_struct_conn.pdbx_ptnr1_PDB_ins_code 
_struct_conn.pdbx_ptnr1_standard_comp_id 
_struct_conn.ptnr1_symmetry 
_struct_conn.ptnr2_label_asym_id 
_struct_conn.ptnr2_label_comp_id 
_struct_conn.ptnr2_label_seq_id 
_struct_conn.ptnr2_label_atom_id 
_struct_conn.pdbx_ptnr2_label_alt_id 
_struct_conn.pdbx_ptnr2_PDB_ins_code 
_struct_conn.ptnr1_auth_asym_id 
_struct_conn.ptnr1_auth_comp_id 
_struct_conn.ptnr1_auth_seq_id 
_struct_conn.ptnr2_auth_asym_id 
_struct_conn.ptnr2_auth_comp_id 
_struct_conn.ptnr2_auth_seq_id 
_struct_conn.ptnr2_symmetry 
_struct_conn.pdbx_ptnr3_label_atom_id 
_struct_conn.pdbx_ptnr3_label_seq_id 
_struct_conn.pdbx_ptnr3_label_comp_id 
_struct_conn.pdbx_ptnr3_label_asym_id 
_struct_conn.pdbx_ptnr3_label_alt_id 
_struct_conn.pdbx_ptnr3_PDB_ins_code 
_struct_conn.details 
_struct_conn.pdbx_dist_value 
_struct_conn.pdbx_value_order 
_struct_conn.pdbx_role 
metalc1  metalc ? ? A CYS 2  SG ? ? ? 1_555 D CD . CD ? ? A CYS 3  A CD 34 1_555 ? ? ? ? ? ? ? 2.547 ? ? 
metalc2  metalc ? ? A CYS 5  SG ? ? ? 1_555 C CD . CD ? ? A CYS 6  A CD 33 1_555 ? ? ? ? ? ? ? 2.545 ? ? 
metalc3  metalc ? ? A CYS 5  SG ? ? ? 1_555 D CD . CD ? ? A CYS 6  A CD 34 1_555 ? ? ? ? ? ? ? 2.542 ? ? 
metalc4  metalc ? ? A CYS 9  SG ? ? ? 1_555 C CD . CD ? ? A CYS 10 A CD 33 1_555 ? ? ? ? ? ? ? 2.548 ? ? 
metalc5  metalc ? ? A CYS 11 SG ? ? ? 1_555 B CD . CD ? ? A CYS 12 A CD 32 1_555 ? ? ? ? ? ? ? 2.546 ? ? 
metalc6  metalc ? ? A CYS 17 SG ? ? ? 1_555 B CD . CD ? ? A CYS 18 A CD 32 1_555 ? ? ? ? ? ? ? 2.543 ? ? 
metalc7  metalc ? ? A CYS 21 SG ? ? ? 1_555 B CD . CD ? ? A CYS 22 A CD 32 1_555 ? ? ? ? ? ? ? 2.546 ? ? 
metalc8  metalc ? ? A CYS 21 SG ? ? ? 1_555 D CD . CD ? ? A CYS 22 A CD 34 1_555 ? ? ? ? ? ? ? 2.537 ? ? 
metalc9  metalc ? ? A CYS 25 SG ? ? ? 1_555 D CD . CD ? ? A CYS 26 A CD 34 1_555 ? ? ? ? ? ? ? 2.566 ? ? 
metalc10 metalc ? ? A CYS 27 SG ? ? ? 1_555 C CD . CD ? ? A CYS 28 A CD 33 1_555 ? ? ? ? ? ? ? 2.547 ? ? 
metalc11 metalc ? ? A CYS 28 SG ? ? ? 1_555 B CD . CD ? ? A CYS 29 A CD 32 1_555 ? ? ? ? ? ? ? 2.542 ? ? 
metalc12 metalc ? ? A CYS 28 SG ? ? ? 1_555 C CD . CD ? ? A CYS 29 A CD 33 1_555 ? ? ? ? ? ? ? 2.565 ? ? 
metalc13 metalc ? ? A CYS 28 N  ? ? ? 1_555 C CD . CD ? ? A CYS 29 A CD 33 1_555 ? ? ? ? ? ? ? 2.888 ? ? 
# 
_struct_conn_type.id          metalc 
_struct_conn_type.criteria    ? 
_struct_conn_type.reference   ? 
# 
loop_
_pdbx_struct_conn_angle.id 
_pdbx_struct_conn_angle.ptnr1_label_atom_id 
_pdbx_struct_conn_angle.ptnr1_label_alt_id 
_pdbx_struct_conn_angle.ptnr1_label_asym_id 
_pdbx_struct_conn_angle.ptnr1_label_comp_id 
_pdbx_struct_conn_angle.ptnr1_label_seq_id 
_pdbx_struct_conn_angle.ptnr1_auth_atom_id 
_pdbx_struct_conn_angle.ptnr1_auth_asym_id 
_pdbx_struct_conn_angle.ptnr1_auth_comp_id 
_pdbx_struct_conn_angle.ptnr1_auth_seq_id 
_pdbx_struct_conn_angle.ptnr1_PDB_ins_code 
_pdbx_struct_conn_angle.ptnr1_symmetry 
_pdbx_struct_conn_angle.ptnr2_label_atom_id 
_pdbx_struct_conn_angle.ptnr2_label_alt_id 
_pdbx_struct_conn_angle.ptnr2_label_asym_id 
_pdbx_struct_conn_angle.ptnr2_label_comp_id 
_pdbx_struct_conn_angle.ptnr2_label_seq_id 
_pdbx_struct_conn_angle.ptnr2_auth_atom_id 
_pdbx_struct_conn_angle.ptnr2_auth_asym_id 
_pdbx_struct_conn_angle.ptnr2_auth_comp_id 
_pdbx_struct_conn_angle.ptnr2_auth_seq_id 
_pdbx_struct_conn_angle.ptnr2_PDB_ins_code 
_pdbx_struct_conn_angle.ptnr2_symmetry 
_pdbx_struct_conn_angle.ptnr3_label_atom_id 
_pdbx_struct_conn_angle.ptnr3_label_alt_id 
_pdbx_struct_conn_angle.ptnr3_label_asym_id 
_pdbx_struct_conn_angle.ptnr3_label_comp_id 
_pdbx_struct_conn_angle.ptnr3_label_seq_id 
_pdbx_struct_conn_angle.ptnr3_auth_atom_id 
_pdbx_struct_conn_angle.ptnr3_auth_asym_id 
_pdbx_struct_conn_angle.ptnr3_auth_comp_id 
_pdbx_struct_conn_angle.ptnr3_auth_seq_id 
_pdbx_struct_conn_angle.ptnr3_PDB_ins_code 
_pdbx_struct_conn_angle.ptnr3_symmetry 
_pdbx_struct_conn_angle.value 
_pdbx_struct_conn_angle.value_esd 
1  SG ? A CYS 2  ? A CYS 3  ? 1_555 CD ? D CD . ? A CD 34 ? 1_555 SG ? A CYS 5  ? A CYS 6  ? 1_555 108.4 ? 
2  SG ? A CYS 2  ? A CYS 3  ? 1_555 CD ? D CD . ? A CD 34 ? 1_555 SG ? A CYS 21 ? A CYS 22 ? 1_555 110.2 ? 
3  SG ? A CYS 5  ? A CYS 6  ? 1_555 CD ? D CD . ? A CD 34 ? 1_555 SG ? A CYS 21 ? A CYS 22 ? 1_555 104.9 ? 
4  SG ? A CYS 2  ? A CYS 3  ? 1_555 CD ? D CD . ? A CD 34 ? 1_555 SG ? A CYS 25 ? A CYS 26 ? 1_555 108.2 ? 
5  SG ? A CYS 5  ? A CYS 6  ? 1_555 CD ? D CD . ? A CD 34 ? 1_555 SG ? A CYS 25 ? A CYS 26 ? 1_555 114.6 ? 
6  SG ? A CYS 21 ? A CYS 22 ? 1_555 CD ? D CD . ? A CD 34 ? 1_555 SG ? A CYS 25 ? A CYS 26 ? 1_555 110.5 ? 
7  SG ? A CYS 5  ? A CYS 6  ? 1_555 CD ? C CD . ? A CD 33 ? 1_555 SG ? A CYS 9  ? A CYS 10 ? 1_555 107.6 ? 
8  SG ? A CYS 5  ? A CYS 6  ? 1_555 CD ? C CD . ? A CD 33 ? 1_555 SG ? A CYS 27 ? A CYS 28 ? 1_555 106.7 ? 
9  SG ? A CYS 9  ? A CYS 10 ? 1_555 CD ? C CD . ? A CD 33 ? 1_555 SG ? A CYS 27 ? A CYS 28 ? 1_555 111.5 ? 
10 SG ? A CYS 5  ? A CYS 6  ? 1_555 CD ? C CD . ? A CD 33 ? 1_555 SG ? A CYS 28 ? A CYS 29 ? 1_555 108.7 ? 
11 SG ? A CYS 9  ? A CYS 10 ? 1_555 CD ? C CD . ? A CD 33 ? 1_555 SG ? A CYS 28 ? A CYS 29 ? 1_555 112.7 ? 
12 SG ? A CYS 27 ? A CYS 28 ? 1_555 CD ? C CD . ? A CD 33 ? 1_555 SG ? A CYS 28 ? A CYS 29 ? 1_555 109.5 ? 
13 SG ? A CYS 5  ? A CYS 6  ? 1_555 CD ? C CD . ? A CD 33 ? 1_555 N  ? A CYS 28 ? A CYS 29 ? 1_555 169.8 ? 
14 SG ? A CYS 9  ? A CYS 10 ? 1_555 CD ? C CD . ? A CD 33 ? 1_555 N  ? A CYS 28 ? A CYS 29 ? 1_555 73.6  ? 
15 SG ? A CYS 27 ? A CYS 28 ? 1_555 CD ? C CD . ? A CD 33 ? 1_555 N  ? A CYS 28 ? A CYS 29 ? 1_555 81.8  ? 
16 SG ? A CYS 28 ? A CYS 29 ? 1_555 CD ? C CD . ? A CD 33 ? 1_555 N  ? A CYS 28 ? A CYS 29 ? 1_555 62.3  ? 
17 SG ? A CYS 11 ? A CYS 12 ? 1_555 CD ? B CD . ? A CD 32 ? 1_555 SG ? A CYS 17 ? A CYS 18 ? 1_555 110.4 ? 
18 SG ? A CYS 11 ? A CYS 12 ? 1_555 CD ? B CD . ? A CD 32 ? 1_555 SG ? A CYS 21 ? A CYS 22 ? 1_555 108.4 ? 
19 SG ? A CYS 17 ? A CYS 18 ? 1_555 CD ? B CD . ? A CD 32 ? 1_555 SG ? A CYS 21 ? A CYS 22 ? 1_555 109.0 ? 
20 SG ? A CYS 11 ? A CYS 12 ? 1_555 CD ? B CD . ? A CD 32 ? 1_555 SG ? A CYS 28 ? A CYS 29 ? 1_555 107.7 ? 
21 SG ? A CYS 17 ? A CYS 18 ? 1_555 CD ? B CD . ? A CD 32 ? 1_555 SG ? A CYS 28 ? A CYS 29 ? 1_555 109.4 ? 
22 SG ? A CYS 21 ? A CYS 22 ? 1_555 CD ? B CD . ? A CD 32 ? 1_555 SG ? A CYS 28 ? A CYS 29 ? 1_555 111.9 ? 
# 
loop_
_struct_site.id 
_struct_site.pdbx_evidence_code 
_struct_site.pdbx_auth_asym_id 
_struct_site.pdbx_auth_comp_id 
_struct_site.pdbx_auth_seq_id 
_struct_site.pdbx_auth_ins_code 
_struct_site.pdbx_num_residues 
_struct_site.details 
AC1 Software A CD 32 ? 4 'BINDING SITE FOR RESIDUE CD A 32' 
AC2 Software A CD 33 ? 5 'BINDING SITE FOR RESIDUE CD A 33' 
AC3 Software A CD 34 ? 4 'BINDING SITE FOR RESIDUE CD A 34' 
# 
loop_
_struct_site_gen.id 
_struct_site_gen.site_id 
_struct_site_gen.pdbx_num_res 
_struct_site_gen.label_comp_id 
_struct_site_gen.label_asym_id 
_struct_site_gen.label_seq_id 
_struct_site_gen.pdbx_auth_ins_code 
_struct_site_gen.auth_comp_id 
_struct_site_gen.auth_asym_id 
_struct_site_gen.auth_seq_id 
_struct_site_gen.label_atom_id 
_struct_site_gen.label_alt_id 
_struct_site_gen.symmetry 
_struct_site_gen.details 
1  AC1 4 CYS A 11 ? CYS A 12 . ? 1_555 ? 
2  AC1 4 CYS A 17 ? CYS A 18 . ? 1_555 ? 
3  AC1 4 CYS A 21 ? CYS A 22 . ? 1_555 ? 
4  AC1 4 CYS A 28 ? CYS A 29 . ? 1_555 ? 
5  AC2 5 CYS A 5  ? CYS A 6  . ? 1_555 ? 
6  AC2 5 CYS A 9  ? CYS A 10 . ? 1_555 ? 
7  AC2 5 CYS A 25 ? CYS A 26 . ? 1_555 ? 
8  AC2 5 CYS A 27 ? CYS A 28 . ? 1_555 ? 
9  AC2 5 CYS A 28 ? CYS A 29 . ? 1_555 ? 
10 AC3 4 CYS A 2  ? CYS A 3  . ? 1_555 ? 
11 AC3 4 CYS A 5  ? CYS A 6  . ? 1_555 ? 
12 AC3 4 CYS A 21 ? CYS A 22 . ? 1_555 ? 
13 AC3 4 CYS A 25 ? CYS A 26 . ? 1_555 ? 
# 
loop_
_pdbx_validate_torsion.id 
_pdbx_validate_torsion.PDB_model_num 
_pdbx_validate_torsion.auth_comp_id 
_pdbx_validate_torsion.auth_asym_id 
_pdbx_validate_torsion.auth_seq_id 
_pdbx_validate_torsion.PDB_ins_code 
_pdbx_validate_torsion.label_alt_id 
_pdbx_validate_torsion.phi 
_pdbx_validate_torsion.psi 
1  1 CYS A 3  ? ? -80.59  -146.15 
2  1 LYS A 5  ? ? -94.76  42.72   
3  1 SER A 8  ? ? 173.39  -86.23  
4  1 CYS A 12 ? ? 32.33   93.27   
5  1 SER A 14 ? ? -153.94 -58.57  
6  1 LYS A 15 ? ? -164.01 -44.02  
7  1 CYS A 18 ? ? -90.21  -74.42  
8  1 SER A 23 ? ? -78.46  49.85   
9  1 LYS A 24 ? ? 176.18  179.93  
10 1 CYS A 26 ? ? -42.15  107.46  
11 1 SER A 27 ? ? -60.20  72.50   
12 1 CYS A 28 ? ? 178.55  -24.95  
13 1 CYS A 29 ? ? -72.95  -160.66 
# 
_pdbx_nmr_ensemble.entry_id                             1J5L 
_pdbx_nmr_ensemble.conformers_calculated_total_number   ? 
_pdbx_nmr_ensemble.conformers_submitted_total_number    1 
_pdbx_nmr_ensemble.conformer_selection_criteria         ? 
# 
loop_
_pdbx_nmr_sample_details.solution_id 
_pdbx_nmr_sample_details.contents 
_pdbx_nmr_sample_details.solvent_system 
1 '2-3mM 113Cd3-MT-beta_C, 5mM d-Tris buffer' '90% H2O/10% D2O' 
2 '2-3mM 113Cd3-MT-beta_C, 5mM d-Tris buffer' '100% D2O'        
# 
_pdbx_nmr_exptl_sample_conditions.conditions_id       1 
_pdbx_nmr_exptl_sample_conditions.temperature         298 
_pdbx_nmr_exptl_sample_conditions.pressure            ambient 
_pdbx_nmr_exptl_sample_conditions.pH                  7.4 
_pdbx_nmr_exptl_sample_conditions.ionic_strength      '5mM Tris' 
_pdbx_nmr_exptl_sample_conditions.pressure_units      ? 
_pdbx_nmr_exptl_sample_conditions.temperature_units   K 
# 
loop_
_pdbx_nmr_exptl.experiment_id 
_pdbx_nmr_exptl.solution_id 
_pdbx_nmr_exptl.conditions_id 
_pdbx_nmr_exptl.type 
1 1 1 DQF-COSY              
2 1 1 '2D NOESY'            
3 1 1 '2D TOCSY'            
4 1 1 '2D 113Cd HSQC-TOCSY' 
5 2 1 '2D NOESY'            
6 2 1 DQF-COSY              
# 
_pdbx_nmr_details.entry_id   1J5L 
_pdbx_nmr_details.text       'This structure was determined using standard 2D homonuclear techniques' 
# 
_pdbx_nmr_refine.entry_id           1J5L 
_pdbx_nmr_refine.method             'ab initio simulated annealing' 
_pdbx_nmr_refine.details            
;The structure is based on 228 NOE based distance restraints, 20 dihedral angle restraints and 33 metal cluster restraints derived from 113Cd-HSQC-TOCSY experiments.
;
_pdbx_nmr_refine.software_ordinal   1 
# 
loop_
_pdbx_nmr_software.name 
_pdbx_nmr_software.version 
_pdbx_nmr_software.classification 
_pdbx_nmr_software.authors 
_pdbx_nmr_software.ordinal 
XwinNMR 2.5   collection           'Bruker Instruments' 1 
XwinNMR 2.5   processing           'Bruker Instruments' 2 
Felix   2000  'data analysis'      MSI                  3 
X-PLOR  3.851 'structure solution' 'Axel Brunger'       4 
MOLMOL  2k.1  'data analysis'      'Reto Koradi'        5 
X-PLOR  3.851 refinement           'Axel Brunger'       6 
# 
loop_
_chem_comp_atom.comp_id 
_chem_comp_atom.atom_id 
_chem_comp_atom.type_symbol 
_chem_comp_atom.pdbx_aromatic_flag 
_chem_comp_atom.pdbx_stereo_config 
_chem_comp_atom.pdbx_ordinal 
ALA N    N  N N 1   
ALA CA   C  N S 2   
ALA C    C  N N 3   
ALA O    O  N N 4   
ALA CB   C  N N 5   
ALA OXT  O  N N 6   
ALA H    H  N N 7   
ALA H2   H  N N 8   
ALA HA   H  N N 9   
ALA HB1  H  N N 10  
ALA HB2  H  N N 11  
ALA HB3  H  N N 12  
ALA HXT  H  N N 13  
ASP N    N  N N 14  
ASP CA   C  N S 15  
ASP C    C  N N 16  
ASP O    O  N N 17  
ASP CB   C  N N 18  
ASP CG   C  N N 19  
ASP OD1  O  N N 20  
ASP OD2  O  N N 21  
ASP OXT  O  N N 22  
ASP H    H  N N 23  
ASP H2   H  N N 24  
ASP HA   H  N N 25  
ASP HB2  H  N N 26  
ASP HB3  H  N N 27  
ASP HD2  H  N N 28  
ASP HXT  H  N N 29  
CD  CD   CD N N 30  
CYS N    N  N N 31  
CYS CA   C  N R 32  
CYS C    C  N N 33  
CYS O    O  N N 34  
CYS CB   C  N N 35  
CYS SG   S  N N 36  
CYS OXT  O  N N 37  
CYS H    H  N N 38  
CYS H2   H  N N 39  
CYS HA   H  N N 40  
CYS HB2  H  N N 41  
CYS HB3  H  N N 42  
CYS HG   H  N N 43  
CYS HXT  H  N N 44  
GLU N    N  N N 45  
GLU CA   C  N S 46  
GLU C    C  N N 47  
GLU O    O  N N 48  
GLU CB   C  N N 49  
GLU CG   C  N N 50  
GLU CD   C  N N 51  
GLU OE1  O  N N 52  
GLU OE2  O  N N 53  
GLU OXT  O  N N 54  
GLU H    H  N N 55  
GLU H2   H  N N 56  
GLU HA   H  N N 57  
GLU HB2  H  N N 58  
GLU HB3  H  N N 59  
GLU HG2  H  N N 60  
GLU HG3  H  N N 61  
GLU HE2  H  N N 62  
GLU HXT  H  N N 63  
GLY N    N  N N 64  
GLY CA   C  N N 65  
GLY C    C  N N 66  
GLY O    O  N N 67  
GLY OXT  O  N N 68  
GLY H    H  N N 69  
GLY H2   H  N N 70  
GLY HA2  H  N N 71  
GLY HA3  H  N N 72  
GLY HXT  H  N N 73  
LYS N    N  N N 74  
LYS CA   C  N S 75  
LYS C    C  N N 76  
LYS O    O  N N 77  
LYS CB   C  N N 78  
LYS CG   C  N N 79  
LYS CD   C  N N 80  
LYS CE   C  N N 81  
LYS NZ   N  N N 82  
LYS OXT  O  N N 83  
LYS H    H  N N 84  
LYS H2   H  N N 85  
LYS HA   H  N N 86  
LYS HB2  H  N N 87  
LYS HB3  H  N N 88  
LYS HG2  H  N N 89  
LYS HG3  H  N N 90  
LYS HD2  H  N N 91  
LYS HD3  H  N N 92  
LYS HE2  H  N N 93  
LYS HE3  H  N N 94  
LYS HZ1  H  N N 95  
LYS HZ2  H  N N 96  
LYS HZ3  H  N N 97  
LYS HXT  H  N N 98  
PRO N    N  N N 99  
PRO CA   C  N S 100 
PRO C    C  N N 101 
PRO O    O  N N 102 
PRO CB   C  N N 103 
PRO CG   C  N N 104 
PRO CD   C  N N 105 
PRO OXT  O  N N 106 
PRO H    H  N N 107 
PRO HA   H  N N 108 
PRO HB2  H  N N 109 
PRO HB3  H  N N 110 
PRO HG2  H  N N 111 
PRO HG3  H  N N 112 
PRO HD2  H  N N 113 
PRO HD3  H  N N 114 
PRO HXT  H  N N 115 
SER N    N  N N 116 
SER CA   C  N S 117 
SER C    C  N N 118 
SER O    O  N N 119 
SER CB   C  N N 120 
SER OG   O  N N 121 
SER OXT  O  N N 122 
SER H    H  N N 123 
SER H2   H  N N 124 
SER HA   H  N N 125 
SER HB2  H  N N 126 
SER HB3  H  N N 127 
SER HG   H  N N 128 
SER HXT  H  N N 129 
THR N    N  N N 130 
THR CA   C  N S 131 
THR C    C  N N 132 
THR O    O  N N 133 
THR CB   C  N R 134 
THR OG1  O  N N 135 
THR CG2  C  N N 136 
THR OXT  O  N N 137 
THR H    H  N N 138 
THR H2   H  N N 139 
THR HA   H  N N 140 
THR HB   H  N N 141 
THR HG1  H  N N 142 
THR HG21 H  N N 143 
THR HG22 H  N N 144 
THR HG23 H  N N 145 
THR HXT  H  N N 146 
# 
loop_
_chem_comp_bond.comp_id 
_chem_comp_bond.atom_id_1 
_chem_comp_bond.atom_id_2 
_chem_comp_bond.value_order 
_chem_comp_bond.pdbx_aromatic_flag 
_chem_comp_bond.pdbx_stereo_config 
_chem_comp_bond.pdbx_ordinal 
ALA N   CA   sing N N 1   
ALA N   H    sing N N 2   
ALA N   H2   sing N N 3   
ALA CA  C    sing N N 4   
ALA CA  CB   sing N N 5   
ALA CA  HA   sing N N 6   
ALA C   O    doub N N 7   
ALA C   OXT  sing N N 8   
ALA CB  HB1  sing N N 9   
ALA CB  HB2  sing N N 10  
ALA CB  HB3  sing N N 11  
ALA OXT HXT  sing N N 12  
ASP N   CA   sing N N 13  
ASP N   H    sing N N 14  
ASP N   H2   sing N N 15  
ASP CA  C    sing N N 16  
ASP CA  CB   sing N N 17  
ASP CA  HA   sing N N 18  
ASP C   O    doub N N 19  
ASP C   OXT  sing N N 20  
ASP CB  CG   sing N N 21  
ASP CB  HB2  sing N N 22  
ASP CB  HB3  sing N N 23  
ASP CG  OD1  doub N N 24  
ASP CG  OD2  sing N N 25  
ASP OD2 HD2  sing N N 26  
ASP OXT HXT  sing N N 27  
CYS N   CA   sing N N 28  
CYS N   H    sing N N 29  
CYS N   H2   sing N N 30  
CYS CA  C    sing N N 31  
CYS CA  CB   sing N N 32  
CYS CA  HA   sing N N 33  
CYS C   O    doub N N 34  
CYS C   OXT  sing N N 35  
CYS CB  SG   sing N N 36  
CYS CB  HB2  sing N N 37  
CYS CB  HB3  sing N N 38  
CYS SG  HG   sing N N 39  
CYS OXT HXT  sing N N 40  
GLU N   CA   sing N N 41  
GLU N   H    sing N N 42  
GLU N   H2   sing N N 43  
GLU CA  C    sing N N 44  
GLU CA  CB   sing N N 45  
GLU CA  HA   sing N N 46  
GLU C   O    doub N N 47  
GLU C   OXT  sing N N 48  
GLU CB  CG   sing N N 49  
GLU CB  HB2  sing N N 50  
GLU CB  HB3  sing N N 51  
GLU CG  CD   sing N N 52  
GLU CG  HG2  sing N N 53  
GLU CG  HG3  sing N N 54  
GLU CD  OE1  doub N N 55  
GLU CD  OE2  sing N N 56  
GLU OE2 HE2  sing N N 57  
GLU OXT HXT  sing N N 58  
GLY N   CA   sing N N 59  
GLY N   H    sing N N 60  
GLY N   H2   sing N N 61  
GLY CA  C    sing N N 62  
GLY CA  HA2  sing N N 63  
GLY CA  HA3  sing N N 64  
GLY C   O    doub N N 65  
GLY C   OXT  sing N N 66  
GLY OXT HXT  sing N N 67  
LYS N   CA   sing N N 68  
LYS N   H    sing N N 69  
LYS N   H2   sing N N 70  
LYS CA  C    sing N N 71  
LYS CA  CB   sing N N 72  
LYS CA  HA   sing N N 73  
LYS C   O    doub N N 74  
LYS C   OXT  sing N N 75  
LYS CB  CG   sing N N 76  
LYS CB  HB2  sing N N 77  
LYS CB  HB3  sing N N 78  
LYS CG  CD   sing N N 79  
LYS CG  HG2  sing N N 80  
LYS CG  HG3  sing N N 81  
LYS CD  CE   sing N N 82  
LYS CD  HD2  sing N N 83  
LYS CD  HD3  sing N N 84  
LYS CE  NZ   sing N N 85  
LYS CE  HE2  sing N N 86  
LYS CE  HE3  sing N N 87  
LYS NZ  HZ1  sing N N 88  
LYS NZ  HZ2  sing N N 89  
LYS NZ  HZ3  sing N N 90  
LYS OXT HXT  sing N N 91  
PRO N   CA   sing N N 92  
PRO N   CD   sing N N 93  
PRO N   H    sing N N 94  
PRO CA  C    sing N N 95  
PRO CA  CB   sing N N 96  
PRO CA  HA   sing N N 97  
PRO C   O    doub N N 98  
PRO C   OXT  sing N N 99  
PRO CB  CG   sing N N 100 
PRO CB  HB2  sing N N 101 
PRO CB  HB3  sing N N 102 
PRO CG  CD   sing N N 103 
PRO CG  HG2  sing N N 104 
PRO CG  HG3  sing N N 105 
PRO CD  HD2  sing N N 106 
PRO CD  HD3  sing N N 107 
PRO OXT HXT  sing N N 108 
SER N   CA   sing N N 109 
SER N   H    sing N N 110 
SER N   H2   sing N N 111 
SER CA  C    sing N N 112 
SER CA  CB   sing N N 113 
SER CA  HA   sing N N 114 
SER C   O    doub N N 115 
SER C   OXT  sing N N 116 
SER CB  OG   sing N N 117 
SER CB  HB2  sing N N 118 
SER CB  HB3  sing N N 119 
SER OG  HG   sing N N 120 
SER OXT HXT  sing N N 121 
THR N   CA   sing N N 122 
THR N   H    sing N N 123 
THR N   H2   sing N N 124 
THR CA  C    sing N N 125 
THR CA  CB   sing N N 126 
THR CA  HA   sing N N 127 
THR C   O    doub N N 128 
THR C   OXT  sing N N 129 
THR CB  OG1  sing N N 130 
THR CB  CG2  sing N N 131 
THR CB  HB   sing N N 132 
THR OG1 HG1  sing N N 133 
THR CG2 HG21 sing N N 134 
THR CG2 HG22 sing N N 135 
THR CG2 HG23 sing N N 136 
THR OXT HXT  sing N N 137 
# 
loop_
_pdbx_nmr_spectrometer.spectrometer_id 
_pdbx_nmr_spectrometer.type 
_pdbx_nmr_spectrometer.manufacturer 
_pdbx_nmr_spectrometer.model 
_pdbx_nmr_spectrometer.field_strength 
1 ? Bruker DRX 500 
2 ? Bruker DPX 300 
# 
_atom_sites.entry_id                    1J5L 
_atom_sites.fract_transf_matrix[1][1]   1.000000 
_atom_sites.fract_transf_matrix[1][2]   0.000000 
_atom_sites.fract_transf_matrix[1][3]   0.000000 
_atom_sites.fract_transf_matrix[2][1]   0.000000 
_atom_sites.fract_transf_matrix[2][2]   1.000000 
_atom_sites.fract_transf_matrix[2][3]   0.000000 
_atom_sites.fract_transf_matrix[3][1]   0.000000 
_atom_sites.fract_transf_matrix[3][2]   0.000000 
_atom_sites.fract_transf_matrix[3][3]   1.000000 
_atom_sites.fract_transf_vector[1]      0.00000 
_atom_sites.fract_transf_vector[2]      0.00000 
_atom_sites.fract_transf_vector[3]      0.00000 
# 
loop_
_atom_type.symbol 
C  
CD 
H  
N  
O  
S  
# 
loop_
_atom_site.group_PDB 
_atom_site.id 
_atom_site.type_symbol 
_atom_site.label_atom_id 
_atom_site.label_alt_id 
_atom_site.label_comp_id 
_atom_site.label_asym_id 
_atom_site.label_entity_id 
_atom_site.label_seq_id 
_atom_site.pdbx_PDB_ins_code 
_atom_site.Cartn_x 
_atom_site.Cartn_y 
_atom_site.Cartn_z 
_atom_site.occupancy 
_atom_site.B_iso_or_equiv 
_atom_site.pdbx_formal_charge 
_atom_site.auth_seq_id 
_atom_site.auth_comp_id 
_atom_site.auth_asym_id 
_atom_site.auth_atom_id 
_atom_site.pdbx_PDB_model_num 
ATOM   1   N  N    . PRO A 1 1  ? 5.482   2.817   4.211   1.00 0.91 ? 2  PRO A N    1 
ATOM   2   C  CA   . PRO A 1 1  ? 4.575   1.694   4.569   1.00 0.75 ? 2  PRO A CA   1 
ATOM   3   C  C    . PRO A 1 1  ? 3.648   2.107   5.716   1.00 0.65 ? 2  PRO A C    1 
ATOM   4   O  O    . PRO A 1 1  ? 4.093   2.452   6.793   1.00 0.83 ? 2  PRO A O    1 
ATOM   5   C  CB   . PRO A 1 1  ? 5.519   0.580   5.011   1.00 0.95 ? 2  PRO A CB   1 
ATOM   6   C  CG   . PRO A 1 1  ? 6.755   1.284   5.460   1.00 1.18 ? 2  PRO A CG   1 
ATOM   7   C  CD   . PRO A 1 1  ? 6.863   2.542   4.640   1.00 1.17 ? 2  PRO A CD   1 
ATOM   8   H  H2   . PRO A 1 1  ? 5.146   3.687   4.672   1.00 0.86 ? 2  PRO A H2   1 
ATOM   9   H  H3   . PRO A 1 1  ? 5.467   2.951   3.179   1.00 0.94 ? 2  PRO A H3   1 
ATOM   10  H  HA   . PRO A 1 1  ? 4.004   1.377   3.712   1.00 0.68 ? 2  PRO A HA   1 
ATOM   11  H  HB2  . PRO A 1 1  ? 5.086   0.022   5.827   1.00 1.17 ? 2  PRO A HB2  1 
ATOM   12  H  HB3  . PRO A 1 1  ? 5.741   -0.075  4.181   1.00 1.42 ? 2  PRO A HB3  1 
ATOM   13  H  HG2  . PRO A 1 1  ? 6.678   1.533   6.508   1.00 1.57 ? 2  PRO A HG2  1 
ATOM   14  H  HG3  . PRO A 1 1  ? 7.619   0.659   5.290   1.00 1.54 ? 2  PRO A HG3  1 
ATOM   15  H  HD2  . PRO A 1 1  ? 7.238   3.355   5.244   1.00 1.54 ? 2  PRO A HD2  1 
ATOM   16  H  HD3  . PRO A 1 1  ? 7.499   2.380   3.783   1.00 1.53 ? 2  PRO A HD3  1 
ATOM   17  N  N    . CYS A 1 2  ? 2.362   2.080   5.492   1.00 0.49 ? 3  CYS A N    1 
ATOM   18  C  CA   . CYS A 1 2  ? 1.415   2.477   6.561   1.00 0.55 ? 3  CYS A CA   1 
ATOM   19  C  C    . CYS A 1 2  ? 1.199   1.324   7.545   1.00 0.71 ? 3  CYS A C    1 
ATOM   20  O  O    . CYS A 1 2  ? 2.094   0.548   7.819   1.00 1.61 ? 3  CYS A O    1 
ATOM   21  C  CB   . CYS A 1 2  ? 0.111   2.839   5.834   1.00 0.35 ? 3  CYS A CB   1 
ATOM   22  S  SG   . CYS A 1 2  ? -0.794  1.336   5.366   1.00 0.13 ? 3  CYS A SG   1 
ATOM   23  H  H    . CYS A 1 2  ? 2.023   1.810   4.626   1.00 0.48 ? 3  CYS A H    1 
ATOM   24  H  HA   . CYS A 1 2  ? 1.793   3.339   7.073   1.00 0.72 ? 3  CYS A HA   1 
ATOM   25  H  HB2  . CYS A 1 2  ? -0.507  3.436   6.486   1.00 0.52 ? 3  CYS A HB2  1 
ATOM   26  H  HB3  . CYS A 1 2  ? 0.344   3.407   4.945   1.00 0.31 ? 3  CYS A HB3  1 
ATOM   27  N  N    . GLU A 1 3  ? 0.017   1.213   8.077   1.00 0.32 ? 4  GLU A N    1 
ATOM   28  C  CA   . GLU A 1 3  ? -0.278  0.120   9.047   1.00 0.32 ? 4  GLU A CA   1 
ATOM   29  C  C    . GLU A 1 3  ? 0.129   -1.239  8.486   1.00 0.27 ? 4  GLU A C    1 
ATOM   30  O  O    . GLU A 1 3  ? 0.967   -1.933  9.027   1.00 0.32 ? 4  GLU A O    1 
ATOM   31  C  CB   . GLU A 1 3  ? -1.796  0.150   9.208   1.00 0.35 ? 4  GLU A CB   1 
ATOM   32  C  CG   . GLU A 1 3  ? -2.167  -0.256  10.636  1.00 1.04 ? 4  GLU A CG   1 
ATOM   33  C  CD   . GLU A 1 3  ? -2.898  -1.601  10.610  1.00 1.59 ? 4  GLU A CD   1 
ATOM   34  O  OE1  . GLU A 1 3  ? -3.973  -1.657  10.035  1.00 2.30 ? 4  GLU A OE1  1 
ATOM   35  O  OE2  . GLU A 1 3  ? -2.371  -2.550  11.167  1.00 2.18 ? 4  GLU A OE2  1 
ATOM   36  H  H    . GLU A 1 3  ? -0.684  1.854   7.840   1.00 0.98 ? 4  GLU A H    1 
ATOM   37  H  HA   . GLU A 1 3  ? 0.199   0.305   9.995   1.00 0.37 ? 4  GLU A HA   1 
ATOM   38  H  HB2  . GLU A 1 3  ? -2.161  1.148   9.011   1.00 1.09 ? 4  GLU A HB2  1 
ATOM   39  H  HB3  . GLU A 1 3  ? -2.244  -0.548  8.503   1.00 0.33 ? 4  GLU A HB3  1 
ATOM   40  H  HG2  . GLU A 1 3  ? -1.269  -0.347  11.229  1.00 1.72 ? 4  GLU A HG2  1 
ATOM   41  H  HG3  . GLU A 1 3  ? -2.811  0.496   11.068  1.00 1.70 ? 4  GLU A HG3  1 
ATOM   42  N  N    . LYS A 1 4  ? -0.511  -1.633  7.428   1.00 0.24 ? 5  LYS A N    1 
ATOM   43  C  CA   . LYS A 1 4  ? -0.247  -2.961  6.824   1.00 0.25 ? 5  LYS A CA   1 
ATOM   44  C  C    . LYS A 1 4  ? 0.777   -2.890  5.685   1.00 0.23 ? 5  LYS A C    1 
ATOM   45  O  O    . LYS A 1 4  ? 0.616   -3.527  4.663   1.00 0.33 ? 5  LYS A O    1 
ATOM   46  C  CB   . LYS A 1 4  ? -1.617  -3.355  6.302   1.00 0.30 ? 5  LYS A CB   1 
ATOM   47  C  CG   . LYS A 1 4  ? -2.185  -4.474  7.171   1.00 0.54 ? 5  LYS A CG   1 
ATOM   48  C  CD   . LYS A 1 4  ? -3.302  -5.195  6.414   1.00 1.18 ? 5  LYS A CD   1 
ATOM   49  C  CE   . LYS A 1 4  ? -2.721  -5.869  5.169   1.00 1.70 ? 5  LYS A CE   1 
ATOM   50  N  NZ   . LYS A 1 4  ? -3.787  -6.804  4.709   1.00 2.39 ? 5  LYS A NZ   1 
ATOM   51  H  H    . LYS A 1 4  ? -1.205  -1.064  7.045   1.00 0.25 ? 5  LYS A H    1 
ATOM   52  H  HA   . LYS A 1 4  ? 0.067   -3.664  7.572   1.00 0.29 ? 5  LYS A HA   1 
ATOM   53  H  HB2  . LYS A 1 4  ? -2.273  -2.493  6.356   1.00 0.34 ? 5  LYS A HB2  1 
ATOM   54  H  HB3  . LYS A 1 4  ? -1.534  -3.690  5.282   1.00 0.32 ? 5  LYS A HB3  1 
ATOM   55  H  HG2  . LYS A 1 4  ? -1.400  -5.176  7.412   1.00 1.18 ? 5  LYS A HG2  1 
ATOM   56  H  HG3  . LYS A 1 4  ? -2.581  -4.049  8.082   1.00 1.09 ? 5  LYS A HG3  1 
ATOM   57  H  HD2  . LYS A 1 4  ? -3.746  -5.943  7.054   1.00 1.81 ? 5  LYS A HD2  1 
ATOM   58  H  HD3  . LYS A 1 4  ? -4.055  -4.481  6.118   1.00 1.71 ? 5  LYS A HD3  1 
ATOM   59  H  HE2  . LYS A 1 4  ? -2.512  -5.134  4.407   1.00 2.16 ? 5  LYS A HE2  1 
ATOM   60  H  HE3  . LYS A 1 4  ? -1.825  -6.416  5.422   1.00 2.10 ? 5  LYS A HE3  1 
ATOM   61  H  HZ1  . LYS A 1 4  ? -4.485  -6.283  4.143   1.00 2.83 ? 5  LYS A HZ1  1 
ATOM   62  H  HZ2  . LYS A 1 4  ? -4.256  -7.227  5.536   1.00 2.78 ? 5  LYS A HZ2  1 
ATOM   63  H  HZ3  . LYS A 1 4  ? -3.363  -7.555  4.128   1.00 2.78 ? 5  LYS A HZ3  1 
ATOM   64  N  N    . CYS A 1 5  ? 1.837   -2.146  5.850   1.00 0.15 ? 6  CYS A N    1 
ATOM   65  C  CA   . CYS A 1 5  ? 2.861   -2.080  4.761   1.00 0.14 ? 6  CYS A CA   1 
ATOM   66  C  C    . CYS A 1 5  ? 4.276   -2.120  5.340   1.00 0.18 ? 6  CYS A C    1 
ATOM   67  O  O    . CYS A 1 5  ? 5.249   -2.070  4.615   1.00 0.41 ? 6  CYS A O    1 
ATOM   68  C  CB   . CYS A 1 5  ? 2.607   -0.762  4.030   1.00 0.12 ? 6  CYS A CB   1 
ATOM   69  S  SG   . CYS A 1 5  ? 1.354   -1.031  2.754   1.00 0.12 ? 6  CYS A SG   1 
ATOM   70  H  H    . CYS A 1 5  ? 1.963   -1.645  6.682   1.00 0.20 ? 6  CYS A H    1 
ATOM   71  H  HA   . CYS A 1 5  ? 2.725   -2.908  4.081   1.00 0.18 ? 6  CYS A HA   1 
ATOM   72  H  HB2  . CYS A 1 5  ? 2.257   -0.021  4.732   1.00 0.12 ? 6  CYS A HB2  1 
ATOM   73  H  HB3  . CYS A 1 5  ? 3.524   -0.421  3.570   1.00 0.13 ? 6  CYS A HB3  1 
ATOM   74  N  N    . THR A 1 6  ? 4.406   -2.235  6.632   1.00 0.36 ? 7  THR A N    1 
ATOM   75  C  CA   . THR A 1 6  ? 5.769   -2.306  7.228   1.00 0.42 ? 7  THR A CA   1 
ATOM   76  C  C    . THR A 1 6  ? 6.318   -3.723  7.044   1.00 0.53 ? 7  THR A C    1 
ATOM   77  O  O    . THR A 1 6  ? 6.719   -4.374  7.988   1.00 0.96 ? 7  THR A O    1 
ATOM   78  C  CB   . THR A 1 6  ? 5.575   -1.989  8.712   1.00 0.42 ? 7  THR A CB   1 
ATOM   79  O  OG1  . THR A 1 6  ? 4.806   -3.020  9.317   1.00 1.35 ? 7  THR A OG1  1 
ATOM   80  C  CG2  . THR A 1 6  ? 4.846   -0.653  8.859   1.00 1.49 ? 7  THR A CG2  1 
ATOM   81  H  H    . THR A 1 6  ? 3.615   -2.295  7.205   1.00 0.57 ? 7  THR A H    1 
ATOM   82  H  HA   . THR A 1 6  ? 6.424   -1.580  6.772   1.00 0.51 ? 7  THR A HA   1 
ATOM   83  H  HB   . THR A 1 6  ? 6.537   -1.925  9.196   1.00 1.07 ? 7  THR A HB   1 
ATOM   84  H  HG1  . THR A 1 6  ? 4.264   -3.425  8.637   1.00 1.81 ? 7  THR A HG1  1 
ATOM   85  H  HG21 . THR A 1 6  ? 3.785   -0.831  8.958   1.00 2.13 ? 7  THR A HG21 1 
ATOM   86  H  HG22 . THR A 1 6  ? 5.030   -0.045  7.986   1.00 2.00 ? 7  THR A HG22 1 
ATOM   87  H  HG23 . THR A 1 6  ? 5.209   -0.140  9.738   1.00 2.08 ? 7  THR A HG23 1 
ATOM   88  N  N    . SER A 1 7  ? 6.318   -4.209  5.831   1.00 0.58 ? 8  SER A N    1 
ATOM   89  C  CA   . SER A 1 7  ? 6.814   -5.588  5.575   1.00 0.68 ? 8  SER A CA   1 
ATOM   90  C  C    . SER A 1 7  ? 6.556   -5.972  4.115   1.00 0.67 ? 8  SER A C    1 
ATOM   91  O  O    . SER A 1 7  ? 7.399   -5.806  3.257   1.00 0.98 ? 8  SER A O    1 
ATOM   92  C  CB   . SER A 1 7  ? 5.982   -6.467  6.506   1.00 0.74 ? 8  SER A CB   1 
ATOM   93  O  OG   . SER A 1 7  ? 6.058   -7.818  6.076   1.00 1.38 ? 8  SER A OG   1 
ATOM   94  H  H    . SER A 1 7  ? 5.978   -3.669  5.089   1.00 0.87 ? 8  SER A H    1 
ATOM   95  H  HA   . SER A 1 7  ? 7.862   -5.673  5.818   1.00 0.80 ? 8  SER A HA   1 
ATOM   96  H  HB2  . SER A 1 7  ? 6.361   -6.388  7.513   1.00 1.23 ? 8  SER A HB2  1 
ATOM   97  H  HB3  . SER A 1 7  ? 4.951   -6.136  6.478   1.00 0.72 ? 8  SER A HB3  1 
ATOM   98  H  HG   . SER A 1 7  ? 5.948   -8.382  6.845   1.00 1.77 ? 8  SER A HG   1 
ATOM   99  N  N    . GLY A 1 8  ? 5.386   -6.480  3.832   1.00 0.64 ? 9  GLY A N    1 
ATOM   100 C  CA   . GLY A 1 8  ? 5.051   -6.872  2.435   1.00 0.65 ? 9  GLY A CA   1 
ATOM   101 C  C    . GLY A 1 8  ? 3.589   -6.516  2.161   1.00 0.60 ? 9  GLY A C    1 
ATOM   102 O  O    . GLY A 1 8  ? 2.711   -6.825  2.942   1.00 1.45 ? 9  GLY A O    1 
ATOM   103 H  H    . GLY A 1 8  ? 4.722   -6.598  4.543   1.00 0.85 ? 9  GLY A H    1 
ATOM   104 H  HA2  . GLY A 1 8  ? 5.690   -6.339  1.746   1.00 1.14 ? 9  GLY A HA2  1 
ATOM   105 H  HA3  . GLY A 1 8  ? 5.195   -7.935  2.313   1.00 1.11 ? 9  GLY A HA3  1 
ATOM   106 N  N    . CYS A 1 9  ? 3.318   -5.859  1.068   1.00 0.44 ? 10 CYS A N    1 
ATOM   107 C  CA   . CYS A 1 9  ? 1.908   -5.478  0.764   1.00 0.36 ? 10 CYS A CA   1 
ATOM   108 C  C    . CYS A 1 9  ? 1.506   -5.942  -0.634  1.00 0.36 ? 10 CYS A C    1 
ATOM   109 O  O    . CYS A 1 9  ? 2.290   -5.912  -1.562  1.00 0.42 ? 10 CYS A O    1 
ATOM   110 C  CB   . CYS A 1 9  ? 1.888   -3.952  0.844   1.00 0.59 ? 10 CYS A CB   1 
ATOM   111 S  SG   . CYS A 1 9  ? 3.267   -3.269  -0.113  1.00 0.19 ? 10 CYS A SG   1 
ATOM   112 H  H    . CYS A 1 9  ? 4.039   -5.610  0.452   1.00 1.13 ? 10 CYS A H    1 
ATOM   113 H  HA   . CYS A 1 9  ? 1.238   -5.890  1.500   1.00 0.50 ? 10 CYS A HA   1 
ATOM   114 H  HB2  . CYS A 1 9  ? 0.956   -3.584  0.441   1.00 1.01 ? 10 CYS A HB2  1 
ATOM   115 H  HB3  . CYS A 1 9  ? 1.979   -3.646  1.875   1.00 0.95 ? 10 CYS A HB3  1 
ATOM   116 N  N    . LYS A 1 10 ? 0.280   -6.357  -0.792  1.00 0.37 ? 11 LYS A N    1 
ATOM   117 C  CA   . LYS A 1 10 ? -0.185  -6.808  -2.130  1.00 0.38 ? 11 LYS A CA   1 
ATOM   118 C  C    . LYS A 1 10 ? -0.516  -5.587  -2.985  1.00 0.35 ? 11 LYS A C    1 
ATOM   119 O  O    . LYS A 1 10 ? 0.083   -5.368  -4.018  1.00 0.62 ? 11 LYS A O    1 
ATOM   120 C  CB   . LYS A 1 10 ? -1.442  -7.635  -1.859  1.00 0.45 ? 11 LYS A CB   1 
ATOM   121 C  CG   . LYS A 1 10 ? -1.048  -8.966  -1.215  1.00 1.12 ? 11 LYS A CG   1 
ATOM   122 C  CD   . LYS A 1 10 ? -1.955  -10.078 -1.743  1.00 1.58 ? 11 LYS A CD   1 
ATOM   123 C  CE   . LYS A 1 10 ? -1.098  -11.201 -2.330  1.00 2.25 ? 11 LYS A CE   1 
ATOM   124 N  NZ   . LYS A 1 10 ? -0.191  -11.608 -1.220  1.00 2.89 ? 11 LYS A NZ   1 
ATOM   125 H  H    . LYS A 1 10 ? -0.337  -6.363  -0.031  1.00 0.40 ? 11 LYS A H    1 
ATOM   126 H  HA   . LYS A 1 10 ? 0.566   -7.417  -2.609  1.00 0.40 ? 11 LYS A HA   1 
ATOM   127 H  HB2  . LYS A 1 10 ? -2.093  -7.091  -1.192  1.00 0.59 ? 11 LYS A HB2  1 
ATOM   128 H  HB3  . LYS A 1 10 ? -1.956  -7.824  -2.790  1.00 1.08 ? 11 LYS A HB3  1 
ATOM   129 H  HG2  . LYS A 1 10 ? -0.021  -9.194  -1.458  1.00 1.66 ? 11 LYS A HG2  1 
ATOM   130 H  HG3  . LYS A 1 10 ? -1.156  -8.892  -0.142  1.00 1.79 ? 11 LYS A HG3  1 
ATOM   131 H  HD2  . LYS A 1 10 ? -2.556  -10.467 -0.934  1.00 2.02 ? 11 LYS A HD2  1 
ATOM   132 H  HD3  . LYS A 1 10 ? -2.602  -9.679  -2.511  1.00 2.07 ? 11 LYS A HD3  1 
ATOM   133 H  HE2  . LYS A 1 10 ? -1.721  -12.031 -2.631  1.00 2.58 ? 11 LYS A HE2  1 
ATOM   134 H  HE3  . LYS A 1 10 ? -0.525  -10.837 -3.170  1.00 2.76 ? 11 LYS A HE3  1 
ATOM   135 H  HZ1  . LYS A 1 10 ? -0.657  -11.432 -0.308  1.00 3.27 ? 11 LYS A HZ1  1 
ATOM   136 H  HZ2  . LYS A 1 10 ? 0.689   -11.057 -1.273  1.00 3.31 ? 11 LYS A HZ2  1 
ATOM   137 H  HZ3  . LYS A 1 10 ? 0.028   -12.621 -1.305  1.00 3.16 ? 11 LYS A HZ3  1 
ATOM   138 N  N    . CYS A 1 11 ? -1.454  -4.782  -2.541  1.00 0.25 ? 12 CYS A N    1 
ATOM   139 C  CA   . CYS A 1 11 ? -1.834  -3.548  -3.300  1.00 0.18 ? 12 CYS A CA   1 
ATOM   140 C  C    . CYS A 1 11 ? -1.674  -3.776  -4.806  1.00 0.22 ? 12 CYS A C    1 
ATOM   141 O  O    . CYS A 1 11 ? -0.606  -3.604  -5.351  1.00 0.24 ? 12 CYS A O    1 
ATOM   142 C  CB   . CYS A 1 11 ? -0.871  -2.478  -2.772  1.00 0.12 ? 12 CYS A CB   1 
ATOM   143 S  SG   . CYS A 1 11 ? -1.219  -2.241  -1.009  1.00 0.18 ? 12 CYS A SG   1 
ATOM   144 H  H    . CYS A 1 11 ? -1.899  -4.985  -1.691  1.00 0.44 ? 12 CYS A H    1 
ATOM   145 H  HA   . CYS A 1 11 ? -2.852  -3.266  -3.073  1.00 0.19 ? 12 CYS A HA   1 
ATOM   146 H  HB2  . CYS A 1 11 ? 0.147   -2.818  -2.897  1.00 0.19 ? 12 CYS A HB2  1 
ATOM   147 H  HB3  . CYS A 1 11 ? -1.010  -1.544  -3.302  1.00 0.09 ? 12 CYS A HB3  1 
ATOM   148 N  N    . PRO A 1 12 ? -2.751  -4.176  -5.423  1.00 0.25 ? 13 PRO A N    1 
ATOM   149 C  CA   . PRO A 1 12 ? -2.739  -4.451  -6.882  1.00 0.30 ? 13 PRO A CA   1 
ATOM   150 C  C    . PRO A 1 12 ? -2.673  -3.145  -7.675  1.00 0.31 ? 13 PRO A C    1 
ATOM   151 O  O    . PRO A 1 12 ? -1.918  -3.016  -8.619  1.00 0.38 ? 13 PRO A O    1 
ATOM   152 C  CB   . PRO A 1 12 ? -4.066  -5.164  -7.122  1.00 0.34 ? 13 PRO A CB   1 
ATOM   153 C  CG   . PRO A 1 12 ? -4.956  -4.712  -6.009  1.00 0.31 ? 13 PRO A CG   1 
ATOM   154 C  CD   . PRO A 1 12 ? -4.072  -4.410  -4.826  1.00 0.26 ? 13 PRO A CD   1 
ATOM   155 H  HA   . PRO A 1 12 ? -1.918  -5.098  -7.142  1.00 0.32 ? 13 PRO A HA   1 
ATOM   156 H  HB2  . PRO A 1 12 ? -4.480  -4.875  -8.077  1.00 0.85 ? 13 PRO A HB2  1 
ATOM   157 H  HB3  . PRO A 1 12 ? -3.928  -6.235  -7.081  1.00 1.06 ? 13 PRO A HB3  1 
ATOM   158 H  HG2  . PRO A 1 12 ? -5.492  -3.821  -6.305  1.00 0.95 ? 13 PRO A HG2  1 
ATOM   159 H  HG3  . PRO A 1 12 ? -5.656  -5.494  -5.755  1.00 0.92 ? 13 PRO A HG3  1 
ATOM   160 H  HD2  . PRO A 1 12 ? -4.416  -3.526  -4.311  1.00 0.90 ? 13 PRO A HD2  1 
ATOM   161 H  HD3  . PRO A 1 12 ? -4.038  -5.254  -4.154  1.00 0.93 ? 13 PRO A HD3  1 
ATOM   162 N  N    . SER A 1 13 ? -3.460  -2.173  -7.302  1.00 0.28 ? 14 SER A N    1 
ATOM   163 C  CA   . SER A 1 13 ? -3.442  -0.878  -8.037  1.00 0.31 ? 14 SER A CA   1 
ATOM   164 C  C    . SER A 1 13 ? -3.894  0.256   -7.116  1.00 0.31 ? 14 SER A C    1 
ATOM   165 O  O    . SER A 1 13 ? -3.174  1.208   -6.888  1.00 0.42 ? 14 SER A O    1 
ATOM   166 C  CB   . SER A 1 13 ? -4.431  -1.061  -9.189  1.00 0.34 ? 14 SER A CB   1 
ATOM   167 O  OG   . SER A 1 13 ? -4.499  -2.435  -9.540  1.00 1.34 ? 14 SER A OG   1 
ATOM   168 H  H    . SER A 1 13 ? -4.062  -2.297  -6.539  1.00 0.31 ? 14 SER A H    1 
ATOM   169 H  HA   . SER A 1 13 ? -2.456  -0.678  -8.426  1.00 0.33 ? 14 SER A HA   1 
ATOM   170 H  HB2  . SER A 1 13 ? -5.408  -0.719  -8.881  1.00 1.06 ? 14 SER A HB2  1 
ATOM   171 H  HB3  . SER A 1 13 ? -4.100  -0.488  -10.042 1.00 0.89 ? 14 SER A HB3  1 
ATOM   172 H  HG   . SER A 1 13 ? -3.729  -2.644  -10.073 1.00 1.70 ? 14 SER A HG   1 
ATOM   173 N  N    . LYS A 1 14 ? -5.082  0.164   -6.582  1.00 0.29 ? 15 LYS A N    1 
ATOM   174 C  CA   . LYS A 1 14 ? -5.570  1.241   -5.676  1.00 0.30 ? 15 LYS A CA   1 
ATOM   175 C  C    . LYS A 1 14 ? -6.779  0.758   -4.867  1.00 0.29 ? 15 LYS A C    1 
ATOM   176 O  O    . LYS A 1 14 ? -6.876  0.993   -3.679  1.00 0.43 ? 15 LYS A O    1 
ATOM   177 C  CB   . LYS A 1 14 ? -5.971  2.388   -6.604  1.00 0.38 ? 15 LYS A CB   1 
ATOM   178 C  CG   . LYS A 1 14 ? -4.745  3.252   -6.906  1.00 1.21 ? 15 LYS A CG   1 
ATOM   179 C  CD   . LYS A 1 14 ? -5.197  4.672   -7.254  1.00 1.59 ? 15 LYS A CD   1 
ATOM   180 C  CE   . LYS A 1 14 ? -4.412  5.679   -6.410  1.00 2.30 ? 15 LYS A CE   1 
ATOM   181 N  NZ   . LYS A 1 14 ? -5.213  6.934   -6.471  1.00 2.95 ? 15 LYS A NZ   1 
ATOM   182 H  H    . LYS A 1 14 ? -5.649  -0.611  -6.775  1.00 0.35 ? 15 LYS A H    1 
ATOM   183 H  HA   . LYS A 1 14 ? -4.779  1.561   -5.017  1.00 0.29 ? 15 LYS A HA   1 
ATOM   184 H  HB2  . LYS A 1 14 ? -6.363  1.984   -7.525  1.00 1.12 ? 15 LYS A HB2  1 
ATOM   185 H  HB3  . LYS A 1 14 ? -6.727  2.991   -6.124  1.00 1.00 ? 15 LYS A HB3  1 
ATOM   186 H  HG2  . LYS A 1 14 ? -4.103  3.282   -6.039  1.00 1.80 ? 15 LYS A HG2  1 
ATOM   187 H  HG3  . LYS A 1 14 ? -4.205  2.831   -7.741  1.00 1.90 ? 15 LYS A HG3  1 
ATOM   188 H  HD2  . LYS A 1 14 ? -5.014  4.862   -8.302  1.00 1.97 ? 15 LYS A HD2  1 
ATOM   189 H  HD3  . LYS A 1 14 ? -6.252  4.775   -7.050  1.00 2.05 ? 15 LYS A HD3  1 
ATOM   190 H  HE2  . LYS A 1 14 ? -4.334  5.332   -5.390  1.00 2.71 ? 15 LYS A HE2  1 
ATOM   191 H  HE3  . LYS A 1 14 ? -3.431  5.838   -6.830  1.00 2.71 ? 15 LYS A HE3  1 
ATOM   192 H  HZ1  . LYS A 1 14 ? -5.971  6.898   -5.761  1.00 3.20 ? 15 LYS A HZ1  1 
ATOM   193 H  HZ2  . LYS A 1 14 ? -5.630  7.033   -7.420  1.00 3.35 ? 15 LYS A HZ2  1 
ATOM   194 H  HZ3  . LYS A 1 14 ? -4.597  7.748   -6.276  1.00 3.39 ? 15 LYS A HZ3  1 
ATOM   195 N  N    . ASP A 1 15 ? -7.702  0.091   -5.503  1.00 0.33 ? 16 ASP A N    1 
ATOM   196 C  CA   . ASP A 1 15 ? -8.906  -0.401  -4.771  1.00 0.32 ? 16 ASP A CA   1 
ATOM   197 C  C    . ASP A 1 15 ? -8.511  -0.974  -3.406  1.00 0.28 ? 16 ASP A C    1 
ATOM   198 O  O    . ASP A 1 15 ? -9.185  -0.765  -2.418  1.00 0.50 ? 16 ASP A O    1 
ATOM   199 C  CB   . ASP A 1 15 ? -9.490  -1.498  -5.663  1.00 0.39 ? 16 ASP A CB   1 
ATOM   200 C  CG   . ASP A 1 15 ? -10.920 -1.810  -5.218  1.00 1.16 ? 16 ASP A CG   1 
ATOM   201 O  OD1  . ASP A 1 15 ? -11.792 -0.999  -5.482  1.00 1.88 ? 16 ASP A OD1  1 
ATOM   202 O  OD2  . ASP A 1 15 ? -11.119 -2.856  -4.622  1.00 1.85 ? 16 ASP A OD2  1 
ATOM   203 H  H    . ASP A 1 15 ? -7.607  -0.085  -6.462  1.00 0.48 ? 16 ASP A H    1 
ATOM   204 H  HA   . ASP A 1 15 ? -9.624  0.395   -4.651  1.00 0.37 ? 16 ASP A HA   1 
ATOM   205 H  HB2  . ASP A 1 15 ? -9.497  -1.161  -6.690  1.00 1.03 ? 16 ASP A HB2  1 
ATOM   206 H  HB3  . ASP A 1 15 ? -8.884  -2.388  -5.581  1.00 1.05 ? 16 ASP A HB3  1 
ATOM   207 N  N    . GLU A 1 16 ? -7.426  -1.695  -3.345  1.00 0.22 ? 17 GLU A N    1 
ATOM   208 C  CA   . GLU A 1 16 ? -6.992  -2.283  -2.043  1.00 0.28 ? 17 GLU A CA   1 
ATOM   209 C  C    . GLU A 1 16 ? -5.850  -1.459  -1.466  1.00 0.26 ? 17 GLU A C    1 
ATOM   210 O  O    . GLU A 1 16 ? -5.552  -1.513  -0.290  1.00 0.39 ? 17 GLU A O    1 
ATOM   211 C  CB   . GLU A 1 16 ? -6.510  -3.703  -2.361  1.00 0.42 ? 17 GLU A CB   1 
ATOM   212 C  CG   . GLU A 1 16 ? -7.381  -4.315  -3.460  1.00 1.24 ? 17 GLU A CG   1 
ATOM   213 C  CD   . GLU A 1 16 ? -8.795  -4.549  -2.921  1.00 1.97 ? 17 GLU A CD   1 
ATOM   214 O  OE1  . GLU A 1 16 ? -9.564  -3.602  -2.902  1.00 2.70 ? 17 GLU A OE1  1 
ATOM   215 O  OE2  . GLU A 1 16 ? -9.082  -5.670  -2.537  1.00 2.48 ? 17 GLU A OE2  1 
ATOM   216 H  H    . GLU A 1 16 ? -6.896  -1.853  -4.154  1.00 0.34 ? 17 GLU A H    1 
ATOM   217 H  HA   . GLU A 1 16 ? -7.810  -2.316  -1.356  1.00 0.32 ? 17 GLU A HA   1 
ATOM   218 H  HB2  . GLU A 1 16 ? -5.485  -3.667  -2.697  1.00 1.21 ? 17 GLU A HB2  1 
ATOM   219 H  HB3  . GLU A 1 16 ? -6.575  -4.311  -1.471  1.00 1.16 ? 17 GLU A HB3  1 
ATOM   220 H  HG2  . GLU A 1 16 ? -7.422  -3.638  -4.299  1.00 1.72 ? 17 GLU A HG2  1 
ATOM   221 H  HG3  . GLU A 1 16 ? -6.955  -5.256  -3.776  1.00 1.71 ? 17 GLU A HG3  1 
ATOM   222 N  N    . CYS A 1 17 ? -5.205  -0.709  -2.299  1.00 0.17 ? 18 CYS A N    1 
ATOM   223 C  CA   . CYS A 1 17 ? -4.065  0.121   -1.836  1.00 0.14 ? 18 CYS A CA   1 
ATOM   224 C  C    . CYS A 1 17 ? -4.542  1.508   -1.393  1.00 0.16 ? 18 CYS A C    1 
ATOM   225 O  O    . CYS A 1 17 ? -4.606  1.802   -0.215  1.00 0.30 ? 18 CYS A O    1 
ATOM   226 C  CB   . CYS A 1 17 ? -3.172  0.204   -3.065  1.00 0.17 ? 18 CYS A CB   1 
ATOM   227 S  SG   . CYS A 1 17 ? -1.897  1.462   -2.826  1.00 0.14 ? 18 CYS A SG   1 
ATOM   228 H  H    . CYS A 1 17 ? -5.463  -0.700  -3.245  1.00 0.20 ? 18 CYS A H    1 
ATOM   229 H  HA   . CYS A 1 17 ? -3.545  -0.371  -1.031  1.00 0.16 ? 18 CYS A HA   1 
ATOM   230 H  HB2  . CYS A 1 17 ? -2.712  -0.758  -3.228  1.00 0.21 ? 18 CYS A HB2  1 
ATOM   231 H  HB3  . CYS A 1 17 ? -3.774  0.458   -3.925  1.00 0.23 ? 18 CYS A HB3  1 
ATOM   232 N  N    . ALA A 1 18 ? -4.880  2.363   -2.321  1.00 0.20 ? 19 ALA A N    1 
ATOM   233 C  CA   . ALA A 1 18 ? -5.354  3.726   -1.941  1.00 0.22 ? 19 ALA A CA   1 
ATOM   234 C  C    . ALA A 1 18 ? -6.317  3.631   -0.755  1.00 0.22 ? 19 ALA A C    1 
ATOM   235 O  O    . ALA A 1 18 ? -6.458  4.554   0.023   1.00 0.32 ? 19 ALA A O    1 
ATOM   236 C  CB   . ALA A 1 18 ? -6.078  4.253   -3.180  1.00 0.25 ? 19 ALA A CB   1 
ATOM   237 H  H    . ALA A 1 18 ? -4.823  2.109   -3.264  1.00 0.31 ? 19 ALA A H    1 
ATOM   238 H  HA   . ALA A 1 18 ? -4.518  4.363   -1.701  1.00 0.27 ? 19 ALA A HA   1 
ATOM   239 H  HB1  . ALA A 1 18 ? -5.362  4.420   -3.972  1.00 1.03 ? 19 ALA A HB1  1 
ATOM   240 H  HB2  . ALA A 1 18 ? -6.811  3.528   -3.504  1.00 1.07 ? 19 ALA A HB2  1 
ATOM   241 H  HB3  . ALA A 1 18 ? -6.572  5.182   -2.940  1.00 1.05 ? 19 ALA A HB3  1 
ATOM   242 N  N    . LYS A 1 19 ? -6.976  2.515   -0.614  1.00 0.21 ? 20 LYS A N    1 
ATOM   243 C  CA   . LYS A 1 19 ? -7.929  2.338   0.513   1.00 0.29 ? 20 LYS A CA   1 
ATOM   244 C  C    . LYS A 1 19 ? -7.173  2.269   1.843   1.00 0.32 ? 20 LYS A C    1 
ATOM   245 O  O    . LYS A 1 19 ? -7.527  2.916   2.809   1.00 0.65 ? 20 LYS A O    1 
ATOM   246 C  CB   . LYS A 1 19 ? -8.602  1.001   0.216   1.00 0.32 ? 20 LYS A CB   1 
ATOM   247 C  CG   . LYS A 1 19 ? -10.011 1.243   -0.328  1.00 0.53 ? 20 LYS A CG   1 
ATOM   248 C  CD   . LYS A 1 19 ? -10.941 0.127   0.151   1.00 1.01 ? 20 LYS A CD   1 
ATOM   249 C  CE   . LYS A 1 19 ? -12.387 0.624   0.129   1.00 1.65 ? 20 LYS A CE   1 
ATOM   250 N  NZ   . LYS A 1 19 ? -12.843 0.539   1.545   1.00 2.22 ? 20 LYS A NZ   1 
ATOM   251 H  H    . LYS A 1 19 ? -6.846  1.785   -1.252  1.00 0.22 ? 20 LYS A H    1 
ATOM   252 H  HA   . LYS A 1 19 ? -8.662  3.128   0.526   1.00 0.33 ? 20 LYS A HA   1 
ATOM   253 H  HB2  . LYS A 1 19 ? -8.016  0.463   -0.518  1.00 0.28 ? 20 LYS A HB2  1 
ATOM   254 H  HB3  . LYS A 1 19 ? -8.658  0.421   1.121   1.00 0.42 ? 20 LYS A HB3  1 
ATOM   255 H  HG2  . LYS A 1 19 ? -10.376 2.194   0.030   1.00 1.16 ? 20 LYS A HG2  1 
ATOM   256 H  HG3  . LYS A 1 19 ? -9.983  1.251   -1.407  1.00 0.83 ? 20 LYS A HG3  1 
ATOM   257 H  HD2  . LYS A 1 19 ? -10.843 -0.727  -0.501  1.00 1.58 ? 20 LYS A HD2  1 
ATOM   258 H  HD3  . LYS A 1 19 ? -10.673 -0.156  1.158   1.00 1.62 ? 20 LYS A HD3  1 
ATOM   259 H  HE2  . LYS A 1 19 ? -12.428 1.645   -0.219  1.00 2.13 ? 20 LYS A HE2  1 
ATOM   260 H  HE3  . LYS A 1 19 ? -12.994 -0.013  -0.500  1.00 2.22 ? 20 LYS A HE3  1 
ATOM   261 H  HZ1  . LYS A 1 19 ? -12.446 -0.315  1.986   1.00 2.64 ? 20 LYS A HZ1  1 
ATOM   262 H  HZ2  . LYS A 1 19 ? -13.881 0.495   1.572   1.00 2.57 ? 20 LYS A HZ2  1 
ATOM   263 H  HZ3  . LYS A 1 19 ? -12.517 1.378   2.065   1.00 2.62 ? 20 LYS A HZ3  1 
ATOM   264 N  N    . THR A 1 20 ? -6.139  1.478   1.895   1.00 0.22 ? 21 THR A N    1 
ATOM   265 C  CA   . THR A 1 20 ? -5.352  1.342   3.154   1.00 0.22 ? 21 THR A CA   1 
ATOM   266 C  C    . THR A 1 20 ? -4.115  2.246   3.106   1.00 0.19 ? 21 THR A C    1 
ATOM   267 O  O    . THR A 1 20 ? -3.430  2.431   4.092   1.00 0.22 ? 21 THR A O    1 
ATOM   268 C  CB   . THR A 1 20 ? -4.947  -0.137  3.180   1.00 0.23 ? 21 THR A CB   1 
ATOM   269 O  OG1  . THR A 1 20 ? -5.998  -0.902  3.751   1.00 0.29 ? 21 THR A OG1  1 
ATOM   270 C  CG2  . THR A 1 20 ? -3.669  -0.329  4.003   1.00 0.24 ? 21 THR A CG2  1 
ATOM   271 H  H    . THR A 1 20 ? -5.880  0.963   1.103   1.00 0.44 ? 21 THR A H    1 
ATOM   272 H  HA   . THR A 1 20 ? -5.961  1.575   4.013   1.00 0.27 ? 21 THR A HA   1 
ATOM   273 H  HB   . THR A 1 20 ? -4.768  -0.470  2.169   1.00 0.21 ? 21 THR A HB   1 
ATOM   274 H  HG1  . THR A 1 20 ? -5.946  -1.791  3.393   1.00 0.85 ? 21 THR A HG1  1 
ATOM   275 H  HG21 . THR A 1 20 ? -3.612  -1.353  4.347   1.00 1.03 ? 21 THR A HG21 1 
ATOM   276 H  HG22 . THR A 1 20 ? -3.684  0.336   4.854   1.00 1.06 ? 21 THR A HG22 1 
ATOM   277 H  HG23 . THR A 1 20 ? -2.809  -0.109  3.387   1.00 1.04 ? 21 THR A HG23 1 
ATOM   278 N  N    . CYS A 1 21 ? -3.813  2.788   1.962   1.00 0.15 ? 22 CYS A N    1 
ATOM   279 C  CA   . CYS A 1 21 ? -2.605  3.659   1.846   1.00 0.13 ? 22 CYS A CA   1 
ATOM   280 C  C    . CYS A 1 21 ? -2.974  5.019   1.269   1.00 0.15 ? 22 CYS A C    1 
ATOM   281 O  O    . CYS A 1 21 ? -2.975  5.216   0.070   1.00 0.18 ? 22 CYS A O    1 
ATOM   282 C  CB   . CYS A 1 21 ? -1.658  2.911   0.903   1.00 0.13 ? 22 CYS A CB   1 
ATOM   283 S  SG   . CYS A 1 21 ? -1.708  1.146   1.302   1.00 0.13 ? 22 CYS A SG   1 
ATOM   284 H  H    . CYS A 1 21 ? -4.369  2.610   1.175   1.00 0.15 ? 22 CYS A H    1 
ATOM   285 H  HA   . CYS A 1 21 ? -2.129  3.779   2.804   1.00 0.13 ? 22 CYS A HA   1 
ATOM   286 H  HB2  . CYS A 1 21 ? -1.965  3.068   -0.120  1.00 0.13 ? 22 CYS A HB2  1 
ATOM   287 H  HB3  . CYS A 1 21 ? -0.652  3.281   1.036   1.00 0.13 ? 22 CYS A HB3  1 
ATOM   288 N  N    . SER A 1 22 ? -3.260  5.973   2.112   1.00 0.15 ? 23 SER A N    1 
ATOM   289 C  CA   . SER A 1 22 ? -3.596  7.331   1.605   1.00 0.17 ? 23 SER A CA   1 
ATOM   290 C  C    . SER A 1 22 ? -2.302  8.045   1.224   1.00 0.18 ? 23 SER A C    1 
ATOM   291 O  O    . SER A 1 22 ? -2.046  9.157   1.637   1.00 0.19 ? 23 SER A O    1 
ATOM   292 C  CB   . SER A 1 22 ? -4.274  8.042   2.775   1.00 0.18 ? 23 SER A CB   1 
ATOM   293 O  OG   . SER A 1 22 ? -5.286  8.909   2.282   1.00 1.17 ? 23 SER A OG   1 
ATOM   294 H  H    . SER A 1 22 ? -3.233  5.801   3.076   1.00 0.15 ? 23 SER A H    1 
ATOM   295 H  HA   . SER A 1 22 ? -4.263  7.267   0.762   1.00 0.18 ? 23 SER A HA   1 
ATOM   296 H  HB2  . SER A 1 22 ? -4.715  7.311   3.435   1.00 0.89 ? 23 SER A HB2  1 
ATOM   297 H  HB3  . SER A 1 22 ? -3.537  8.620   3.316   1.00 0.18 ? 23 SER A HB3  1 
ATOM   298 H  HG   . SER A 1 22 ? -5.856  9.146   3.016   1.00 1.53 ? 23 SER A HG   1 
ATOM   299 N  N    . LYS A 1 23 ? -1.474  7.394   0.459   1.00 0.17 ? 24 LYS A N    1 
ATOM   300 C  CA   . LYS A 1 23 ? -0.177  7.993   0.068   1.00 0.18 ? 24 LYS A CA   1 
ATOM   301 C  C    . LYS A 1 23 ? 0.614   6.973   -0.742  1.00 0.17 ? 24 LYS A C    1 
ATOM   302 O  O    . LYS A 1 23 ? 0.158   5.870   -0.968  1.00 0.19 ? 24 LYS A O    1 
ATOM   303 C  CB   . LYS A 1 23 ? 0.514   8.277   1.391   1.00 0.17 ? 24 LYS A CB   1 
ATOM   304 C  CG   . LYS A 1 23 ? 0.446   9.773   1.702   1.00 0.20 ? 24 LYS A CG   1 
ATOM   305 C  CD   . LYS A 1 23 ? -0.055  9.976   3.136   1.00 0.21 ? 24 LYS A CD   1 
ATOM   306 C  CE   . LYS A 1 23 ? 1.091   9.717   4.116   1.00 1.29 ? 24 LYS A CE   1 
ATOM   307 N  NZ   . LYS A 1 23 ? 0.492   9.930   5.465   1.00 1.85 ? 24 LYS A NZ   1 
ATOM   308 H  H    . LYS A 1 23 ? -1.697  6.495   0.153   1.00 0.16 ? 24 LYS A H    1 
ATOM   309 H  HA   . LYS A 1 23 ? -0.315  8.903   -0.480  1.00 0.20 ? 24 LYS A HA   1 
ATOM   310 H  HB2  . LYS A 1 23 ? 0.009   7.729   2.163   1.00 0.16 ? 24 LYS A HB2  1 
ATOM   311 H  HB3  . LYS A 1 23 ? 1.546   7.962   1.338   1.00 0.17 ? 24 LYS A HB3  1 
ATOM   312 H  HG2  . LYS A 1 23 ? 1.429   10.207  1.600   1.00 0.92 ? 24 LYS A HG2  1 
ATOM   313 H  HG3  . LYS A 1 23 ? -0.233  10.253  1.012   1.00 0.86 ? 24 LYS A HG3  1 
ATOM   314 H  HD2  . LYS A 1 23 ? -0.408  10.989  3.254   1.00 0.89 ? 24 LYS A HD2  1 
ATOM   315 H  HD3  . LYS A 1 23 ? -0.865  9.286   3.337   1.00 0.19 ? 24 LYS A HD3  1 
ATOM   316 H  HE2  . LYS A 1 23 ? 1.447   8.703   4.019   1.00 1.98 ? 24 LYS A HE2  1 
ATOM   317 H  HE3  . LYS A 1 23 ? 1.895   10.418  3.947   1.00 1.91 ? 24 LYS A HE3  1 
ATOM   318 H  HZ1  . LYS A 1 23 ? -0.377  9.369   5.551   1.00 2.31 ? 24 LYS A HZ1  1 
ATOM   319 H  HZ2  . LYS A 1 23 ? 0.270   10.939  5.589   1.00 2.31 ? 24 LYS A HZ2  1 
ATOM   320 H  HZ3  . LYS A 1 23 ? 1.170   9.632   6.195   1.00 2.24 ? 24 LYS A HZ3  1 
ATOM   321 N  N    . PRO A 1 24 ? 1.776   7.372   -1.151  1.00 0.17 ? 25 PRO A N    1 
ATOM   322 C  CA   . PRO A 1 24 ? 2.641   6.481   -1.939  1.00 0.16 ? 25 PRO A CA   1 
ATOM   323 C  C    . PRO A 1 24 ? 3.429   5.543   -1.019  1.00 0.14 ? 25 PRO A C    1 
ATOM   324 O  O    . PRO A 1 24 ? 4.644   5.536   -1.024  1.00 0.14 ? 25 PRO A O    1 
ATOM   325 C  CB   . PRO A 1 24 ? 3.569   7.448   -2.665  1.00 0.18 ? 25 PRO A CB   1 
ATOM   326 C  CG   . PRO A 1 24 ? 3.598   8.691   -1.820  1.00 0.19 ? 25 PRO A CG   1 
ATOM   327 C  CD   . PRO A 1 24 ? 2.386   8.682   -0.923  1.00 0.20 ? 25 PRO A CD   1 
ATOM   328 H  HA   . PRO A 1 24 ? 2.060   5.918   -2.652  1.00 0.17 ? 25 PRO A HA   1 
ATOM   329 H  HB2  . PRO A 1 24 ? 4.559   7.027   -2.743  1.00 0.17 ? 25 PRO A HB2  1 
ATOM   330 H  HB3  . PRO A 1 24 ? 3.178   7.673   -3.647  1.00 0.20 ? 25 PRO A HB3  1 
ATOM   331 H  HG2  . PRO A 1 24 ? 4.494   8.705   -1.221  1.00 0.92 ? 25 PRO A HG2  1 
ATOM   332 H  HG3  . PRO A 1 24 ? 3.567   9.563   -2.455  1.00 0.89 ? 25 PRO A HG3  1 
ATOM   333 H  HD2  . PRO A 1 24 ? 2.682   8.786   0.110   1.00 0.45 ? 25 PRO A HD2  1 
ATOM   334 H  HD3  . PRO A 1 24 ? 1.702   9.470   -1.201  1.00 0.37 ? 25 PRO A HD3  1 
ATOM   335 N  N    . CYS A 1 25 ? 2.749   4.742   -0.233  1.00 0.13 ? 26 CYS A N    1 
ATOM   336 C  CA   . CYS A 1 25 ? 3.473   3.802   0.674   1.00 0.12 ? 26 CYS A CA   1 
ATOM   337 C  C    . CYS A 1 25 ? 4.650   3.169   -0.070  1.00 0.12 ? 26 CYS A C    1 
ATOM   338 O  O    . CYS A 1 25 ? 4.476   2.343   -0.944  1.00 0.12 ? 26 CYS A O    1 
ATOM   339 C  CB   . CYS A 1 25 ? 2.437   2.746   1.088   1.00 0.11 ? 26 CYS A CB   1 
ATOM   340 S  SG   . CYS A 1 25 ? 1.661   3.255   2.638   1.00 0.11 ? 26 CYS A SG   1 
ATOM   341 H  H    . CYS A 1 25 ? 1.769   4.757   -0.246  1.00 0.13 ? 26 CYS A H    1 
ATOM   342 H  HA   . CYS A 1 25 ? 3.827   4.328   1.547   1.00 0.12 ? 26 CYS A HA   1 
ATOM   343 H  HB2  . CYS A 1 25 ? 1.678   2.667   0.325   1.00 0.12 ? 26 CYS A HB2  1 
ATOM   344 H  HB3  . CYS A 1 25 ? 2.923   1.790   1.221   1.00 0.12 ? 26 CYS A HB3  1 
ATOM   345 N  N    . SER A 1 26 ? 5.850   3.572   0.264   1.00 0.13 ? 27 SER A N    1 
ATOM   346 C  CA   . SER A 1 26 ? 7.054   3.022   -0.425  1.00 0.15 ? 27 SER A CA   1 
ATOM   347 C  C    . SER A 1 26 ? 7.146   1.507   -0.236  1.00 0.16 ? 27 SER A C    1 
ATOM   348 O  O    . SER A 1 26 ? 7.982   1.011   0.493   1.00 0.18 ? 27 SER A O    1 
ATOM   349 C  CB   . SER A 1 26 ? 8.241   3.716   0.245   1.00 0.16 ? 27 SER A CB   1 
ATOM   350 O  OG   . SER A 1 26 ? 7.898   5.063   0.537   1.00 1.37 ? 27 SER A OG   1 
ATOM   351 H  H    . SER A 1 26 ? 5.957   4.251   0.962   1.00 0.14 ? 27 SER A H    1 
ATOM   352 H  HA   . SER A 1 26 ? 7.033   3.268   -1.474  1.00 0.15 ? 27 SER A HA   1 
ATOM   353 H  HB2  . SER A 1 26 ? 8.489   3.201   1.161   1.00 0.97 ? 27 SER A HB2  1 
ATOM   354 H  HB3  . SER A 1 26 ? 9.091   3.697   -0.420  1.00 0.99 ? 27 SER A HB3  1 
ATOM   355 H  HG   . SER A 1 26 ? 8.457   5.362   1.257   1.00 1.86 ? 27 SER A HG   1 
ATOM   356 N  N    . CYS A 1 27 ? 6.296   0.769   -0.891  1.00 0.16 ? 28 CYS A N    1 
ATOM   357 C  CA   . CYS A 1 27 ? 6.337   -0.717  -0.755  1.00 0.17 ? 28 CYS A CA   1 
ATOM   358 C  C    . CYS A 1 27 ? 5.226   -1.363  -1.587  1.00 0.17 ? 28 CYS A C    1 
ATOM   359 O  O    . CYS A 1 27 ? 5.342   -2.499  -2.004  1.00 0.19 ? 28 CYS A O    1 
ATOM   360 C  CB   . CYS A 1 27 ? 6.145   -1.022  0.737   1.00 0.18 ? 28 CYS A CB   1 
ATOM   361 S  SG   . CYS A 1 27 ? 5.041   0.197   1.494   1.00 0.15 ? 28 CYS A SG   1 
ATOM   362 H  H    . CYS A 1 27 ? 5.631   1.193   -1.475  1.00 0.15 ? 28 CYS A H    1 
ATOM   363 H  HA   . CYS A 1 27 ? 7.298   -1.088  -1.078  1.00 0.19 ? 28 CYS A HA   1 
ATOM   364 H  HB2  . CYS A 1 27 ? 5.717   -2.006  0.847   1.00 0.18 ? 28 CYS A HB2  1 
ATOM   365 H  HB3  . CYS A 1 27 ? 7.105   -0.992  1.232   1.00 0.19 ? 28 CYS A HB3  1 
ATOM   366 N  N    . CYS A 1 28 ? 4.161   -0.656  -1.857  1.00 0.16 ? 29 CYS A N    1 
ATOM   367 C  CA   . CYS A 1 28 ? 3.085   -1.269  -2.688  1.00 0.17 ? 29 CYS A CA   1 
ATOM   368 C  C    . CYS A 1 28 ? 3.609   -1.330  -4.138  1.00 0.19 ? 29 CYS A C    1 
ATOM   369 O  O    . CYS A 1 28 ? 4.805   -1.255  -4.337  1.00 0.21 ? 29 CYS A O    1 
ATOM   370 C  CB   . CYS A 1 28 ? 1.845   -0.365  -2.589  1.00 0.15 ? 29 CYS A CB   1 
ATOM   371 S  SG   . CYS A 1 28 ? 1.751   0.598   -1.044  1.00 0.13 ? 29 CYS A SG   1 
ATOM   372 H  H    . CYS A 1 28 ? 4.085   0.263   -1.537  1.00 0.16 ? 29 CYS A H    1 
ATOM   373 H  HA   . CYS A 1 28 ? 2.854   -2.261  -2.336  1.00 0.18 ? 29 CYS A HA   1 
ATOM   374 H  HB2  . CYS A 1 28 ? 1.835   0.316   -3.419  1.00 0.15 ? 29 CYS A HB2  1 
ATOM   375 H  HB3  . CYS A 1 28 ? 0.966   -0.992  -2.657  1.00 0.15 ? 29 CYS A HB3  1 
ATOM   376 N  N    . PRO A 1 29 ? 2.737   -1.463  -5.119  1.00 0.20 ? 30 PRO A N    1 
ATOM   377 C  CA   . PRO A 1 29 ? 3.221   -1.525  -6.525  1.00 0.24 ? 30 PRO A CA   1 
ATOM   378 C  C    . PRO A 1 29 ? 3.685   -0.144  -6.995  1.00 0.29 ? 30 PRO A C    1 
ATOM   379 O  O    . PRO A 1 29 ? 3.238   0.361   -8.006  1.00 0.30 ? 30 PRO A O    1 
ATOM   380 C  CB   . PRO A 1 29 ? 1.997   -1.968  -7.314  1.00 0.21 ? 30 PRO A CB   1 
ATOM   381 C  CG   . PRO A 1 29 ? 0.838   -1.520  -6.491  1.00 0.19 ? 30 PRO A CG   1 
ATOM   382 C  CD   . PRO A 1 29 ? 1.269   -1.574  -5.047  1.00 0.20 ? 30 PRO A CD   1 
ATOM   383 H  HA   . PRO A 1 29 ? 4.013   -2.249  -6.625  1.00 0.26 ? 30 PRO A HA   1 
ATOM   384 H  HB2  . PRO A 1 29 ? 1.979   -1.488  -8.282  1.00 0.25 ? 30 PRO A HB2  1 
ATOM   385 H  HB3  . PRO A 1 29 ? 1.988   -3.042  -7.424  1.00 0.20 ? 30 PRO A HB3  1 
ATOM   386 H  HG2  . PRO A 1 29 ? 0.580   -0.505  -6.752  1.00 0.25 ? 30 PRO A HG2  1 
ATOM   387 H  HG3  . PRO A 1 29 ? -0.006  -2.167  -6.657  1.00 0.18 ? 30 PRO A HG3  1 
ATOM   388 H  HD2  . PRO A 1 29 ? 0.840   -0.748  -4.513  1.00 0.22 ? 30 PRO A HD2  1 
ATOM   389 H  HD3  . PRO A 1 29 ? 0.982   -2.512  -4.597  1.00 0.24 ? 30 PRO A HD3  1 
ATOM   390 N  N    . THR A 1 30 ? 4.576   0.471   -6.272  1.00 0.35 ? 31 THR A N    1 
ATOM   391 C  CA   . THR A 1 30 ? 5.067   1.820   -6.677  1.00 0.41 ? 31 THR A CA   1 
ATOM   392 C  C    . THR A 1 30 ? 6.598   1.842   -6.692  1.00 0.69 ? 31 THR A C    1 
ATOM   393 O  O    . THR A 1 30 ? 7.185   0.779   -6.814  1.00 1.38 ? 31 THR A O    1 
ATOM   394 C  CB   . THR A 1 30 ? 4.527   2.775   -5.612  1.00 0.69 ? 31 THR A CB   1 
ATOM   395 O  OG1  . THR A 1 30 ? 5.088   2.439   -4.349  1.00 1.48 ? 31 THR A OG1  1 
ATOM   396 C  CG2  . THR A 1 30 ? 3.004   2.659   -5.543  1.00 1.44 ? 31 THR A CG2  1 
ATOM   397 O  OXT  . THR A 1 30 ? 7.156   2.921   -6.584  1.00 1.37 ? 31 THR A OXT  1 
ATOM   398 H  H    . THR A 1 30 ? 4.921   0.047   -5.462  1.00 0.35 ? 31 THR A H    1 
ATOM   399 H  HA   . THR A 1 30 ? 4.675   2.088   -7.645  1.00 0.56 ? 31 THR A HA   1 
ATOM   400 H  HB   . THR A 1 30 ? 4.795   3.789   -5.868  1.00 1.29 ? 31 THR A HB   1 
ATOM   401 H  HG1  . THR A 1 30 ? 4.501   2.772   -3.666  1.00 1.91 ? 31 THR A HG1  1 
ATOM   402 H  HG21 . THR A 1 30 ? 2.561   3.271   -6.314  1.00 1.95 ? 31 THR A HG21 1 
ATOM   403 H  HG22 . THR A 1 30 ? 2.660   2.994   -4.575  1.00 2.01 ? 31 THR A HG22 1 
ATOM   404 H  HG23 . THR A 1 30 ? 2.715   1.629   -5.690  1.00 2.02 ? 31 THR A HG23 1 
HETATM 405 CD CD   . CD  B 2 .  ? -0.764  0.262   -0.891  1.00 0.12 ? 32 CD  A CD   1 
HETATM 406 CD CD   . CD  C 2 .  ? 2.873   -0.892  0.717   1.00 0.14 ? 33 CD  A CD   1 
HETATM 407 CD CD   . CD  D 2 .  ? 0.167   1.202   3.011   1.00 0.11 ? 34 CD  A CD   1 
# 
